data_7FBI
#
_entry.id   7FBI
#
_cell.length_a   1.00
_cell.length_b   1.00
_cell.length_c   1.00
_cell.angle_alpha   90.00
_cell.angle_beta   90.00
_cell.angle_gamma   90.00
#
_symmetry.space_group_name_H-M   'P 1'
#
loop_
_entity.id
_entity.type
_entity.pdbx_description
1 polymer '3A3 heavy chain'
2 polymer '3A3 light chain'
3 polymer 'Envelope glycoprotein B'
4 polymer '3A5 light chain'
5 polymer '3A5 heavy chain'
#
loop_
_entity_poly.entity_id
_entity_poly.type
_entity_poly.pdbx_seq_one_letter_code
_entity_poly.pdbx_strand_id
1 'polypeptide(L)'
;QSVKESGGRLVTPGTPLTLTCTVSGFSLSSYAMSWVRQAPGKGLEYIGVIYASGSTYYASWAKGRFTISRTATTVDLKIT
SPTTEDTATYFCGRGVSTNMWGPGTLVTVSS
;
H
2 'polypeptide(L)'
;DLVMTQTPSSVSAAVGGTVTIKCQASQSLGGGLAWYQQKPGQRPKLLIYSASTLESGVPSRFRGSGSGTEFTLTISDLEC
ADAATYYCQSAYGPTSNGLFNAFGGGTKVVIK
;
L
3 'polypeptide(L)'
;AQTPEQPAPPATTVQPTATRQQTSFPFRVCELSSHGDLFRFSSDIQCPSFGTRENHTEGLLMVFKDNIIPYSFKVRSYTK
IVTNILIYNGHRADSVTNRHEEKFSVESYETDQMDTIYQCYNAVKMTKDGLTRVYVDRDGVNITVNLKPTGGLANGVRRY
ASQTELYDAPGRVEATYRTRTTVNCLITDMMAKSNSPFDFFVTTTGQTVEMSPFYDGKNTETFHERADSFHVRTNYKIVD
YDNRGTNPQGERRAFLDKGTYTLSWKLENRTAYCPLQHWQTFDSTIATETGKSIHFVTDEGTSSFVTNTTVGIELPDAFK
CIEEQVNKTMHEKYEAVQDRYTKGQEAITYFITSGGLLLAWLPLTPRSLATVKNLTELTTPTSSPPSSPSPPAPPAARGS
TSAAVLRRRRRNAGNATTPVPPAAPGKSLGTLNNPATVQIQFAYDSLRRQINRMLGDLARAWCLEQKRQNMVLRELTKIN
PTTVMSSIYGKAVAAKRLGDVISVSQCVPVNQATVTLRKSMRVPGSETMCYSRPLVSFSFINDTKTYEGQLGTDNEIFLT
KKMTEVCQATSQYYFQSGNEIHVYNDYHHFKTIELDGIATLQTFISLNTSLIENIDFASLELYSRDEQRASNVFDLEGIF
REYNFQAQNIAGL
;
A
4 'polypeptide(L)'
;ALVMTQTPSSVSEPVGGTVTIKCQASQSISSYLAWYQRKPGQRPKLLIYGTSTLASGVPSRFIGSGSGTDYTLTISDLEC
DDAATYYCQQGFSTSNVYNSFGGGTKVDIK
;
M
5 'polypeptide(L)'
;QSVKESGGRLVTPGTPLTLTCTVSGFSLSSYEMGWVRQAPGEGLEWIGTISTGGSSYYASWAKGRFTISRTSTTVDLKMT
SLTTADTATYFCARGYGGYGIGAGYFNIWGPGTLVTVSS
;
N
#
# COMPACT_ATOMS: atom_id res chain seq x y z
N GLN A 1 29.82 10.43 34.69
CA GLN A 1 29.35 9.20 35.31
C GLN A 1 30.52 8.27 35.56
N SER A 2 30.42 7.45 36.61
CA SER A 2 31.50 6.55 36.99
C SER A 2 30.78 5.25 37.38
N VAL A 3 31.51 4.33 37.98
CA VAL A 3 30.97 3.19 38.70
C VAL A 3 31.96 2.87 39.79
N LYS A 4 31.54 2.11 40.79
CA LYS A 4 32.36 1.89 41.98
C LYS A 4 32.67 0.43 42.23
N GLU A 5 33.38 0.17 43.34
CA GLU A 5 33.91 -1.13 43.69
C GLU A 5 33.67 -1.37 45.17
N SER A 6 33.40 -2.63 45.55
CA SER A 6 33.19 -2.96 46.96
C SER A 6 33.70 -4.37 47.21
N GLY A 7 34.70 -4.49 48.07
CA GLY A 7 35.25 -5.79 48.42
C GLY A 7 36.61 -5.64 49.05
N GLY A 8 37.28 -6.79 49.21
CA GLY A 8 38.65 -6.78 49.68
C GLY A 8 38.73 -7.83 50.75
N ARG A 9 39.44 -7.46 51.83
CA ARG A 9 39.62 -8.09 53.14
C ARG A 9 40.66 -9.31 53.23
N LEU A 10 40.73 -10.01 52.09
CA LEU A 10 41.74 -11.04 51.79
C LEU A 10 41.41 -12.15 52.80
N VAL A 11 40.22 -12.72 52.66
CA VAL A 11 39.77 -13.78 53.53
C VAL A 11 40.43 -15.11 53.14
N THR A 12 40.21 -16.12 53.99
CA THR A 12 40.79 -17.46 53.89
C THR A 12 40.40 -18.15 52.58
N PRO A 13 41.21 -19.10 52.11
CA PRO A 13 40.85 -19.82 50.86
C PRO A 13 39.60 -20.67 50.93
N GLY A 14 39.02 -20.89 52.10
CA GLY A 14 37.80 -21.66 52.18
C GLY A 14 36.58 -20.88 51.76
N THR A 15 36.69 -19.56 51.68
CA THR A 15 35.52 -18.73 51.46
C THR A 15 35.11 -18.73 50.00
N PRO A 16 33.84 -18.95 49.69
CA PRO A 16 33.33 -18.62 48.36
C PRO A 16 32.96 -17.14 48.29
N LEU A 17 33.98 -16.31 48.09
CA LEU A 17 33.82 -14.86 48.18
C LEU A 17 33.04 -14.32 46.99
N THR A 18 32.21 -13.30 47.26
CA THR A 18 31.54 -12.54 46.21
C THR A 18 32.23 -11.19 46.07
N LEU A 19 32.12 -10.58 44.90
CA LEU A 19 32.75 -9.30 44.61
C LEU A 19 31.81 -8.51 43.72
N THR A 20 31.19 -7.48 44.27
CA THR A 20 30.25 -6.69 43.50
C THR A 20 30.41 -5.20 43.80
N CYS A 21 30.18 -4.40 42.74
CA CYS A 21 29.56 -3.07 42.78
C CYS A 21 29.35 -2.54 41.38
N THR A 22 28.24 -1.82 41.17
CA THR A 22 27.92 -1.08 39.96
C THR A 22 26.83 -0.08 40.33
N VAL A 23 26.98 1.18 39.96
CA VAL A 23 26.11 2.15 40.62
C VAL A 23 25.11 2.87 39.72
N SER A 24 25.55 3.77 38.84
CA SER A 24 24.60 4.78 38.36
C SER A 24 25.22 5.54 37.20
N GLY A 25 24.51 6.56 36.71
CA GLY A 25 24.99 7.51 35.74
C GLY A 25 24.29 7.48 34.40
N PHE A 26 23.71 6.32 34.07
CA PHE A 26 23.29 6.02 32.71
C PHE A 26 22.54 4.69 32.76
N SER A 27 21.85 4.39 31.67
CA SER A 27 21.10 3.15 31.60
C SER A 27 22.04 1.98 31.33
N LEU A 28 21.94 0.95 32.16
CA LEU A 28 22.84 -0.18 32.05
C LEU A 28 22.37 -1.16 30.97
N SER A 29 21.14 -0.99 30.50
CA SER A 29 20.51 -2.02 29.69
C SER A 29 21.09 -2.12 28.29
N SER A 30 21.74 -1.06 27.79
CA SER A 30 22.13 -1.06 26.40
C SER A 30 23.60 -0.71 26.17
N TYR A 31 24.50 -1.37 26.90
CA TYR A 31 25.93 -1.15 26.75
C TYR A 31 26.63 -2.48 27.05
N ALA A 32 27.92 -2.41 27.31
CA ALA A 32 28.68 -3.59 27.70
C ALA A 32 29.58 -3.24 28.87
N MET A 33 29.90 -4.25 29.69
CA MET A 33 30.81 -4.10 30.81
C MET A 33 31.72 -5.31 30.88
N SER A 34 32.88 -5.14 31.51
CA SER A 34 33.89 -6.19 31.45
C SER A 34 34.75 -6.13 32.70
N TRP A 35 35.29 -7.28 33.11
CA TRP A 35 36.23 -7.33 34.22
C TRP A 35 37.65 -7.51 33.72
N VAL A 36 38.63 -6.98 34.47
CA VAL A 36 40.04 -7.15 34.16
C VAL A 36 40.82 -7.01 35.45
N ARG A 37 41.98 -7.68 35.52
CA ARG A 37 42.74 -7.83 36.76
C ARG A 37 44.17 -7.38 36.54
N GLN A 38 44.78 -6.86 37.59
CA GLN A 38 46.20 -6.55 37.59
C GLN A 38 46.90 -7.30 38.72
N ALA A 39 48.15 -7.70 38.47
CA ALA A 39 48.95 -8.42 39.45
C ALA A 39 50.31 -7.75 39.52
N PRO A 40 50.94 -7.73 40.70
CA PRO A 40 52.27 -7.10 40.79
C PRO A 40 53.33 -7.99 40.14
N GLY A 41 54.30 -7.34 39.52
CA GLY A 41 55.33 -8.05 38.80
C GLY A 41 54.98 -8.27 37.35
N LYS A 42 53.71 -8.54 37.06
CA LYS A 42 53.24 -8.87 35.72
C LYS A 42 52.26 -7.82 35.23
N GLY A 43 51.70 -8.07 34.06
CA GLY A 43 50.82 -7.12 33.42
C GLY A 43 49.36 -7.29 33.82
N LEU A 44 48.50 -7.52 32.84
CA LEU A 44 47.08 -7.60 33.08
C LEU A 44 46.51 -8.79 32.31
N GLU A 45 45.28 -9.16 32.62
CA GLU A 45 44.66 -10.31 31.98
C GLU A 45 43.15 -10.11 31.87
N TYR A 46 42.63 -10.28 30.66
CA TYR A 46 41.22 -10.08 30.38
C TYR A 46 40.38 -11.19 31.00
N ILE A 47 39.28 -10.81 31.65
CA ILE A 47 38.51 -11.79 32.40
C ILE A 47 37.26 -12.23 31.66
N GLY A 48 36.33 -11.30 31.45
CA GLY A 48 35.06 -11.68 30.87
C GLY A 48 34.33 -10.48 30.30
N VAL A 49 33.23 -10.78 29.62
CA VAL A 49 32.39 -9.78 28.97
C VAL A 49 30.94 -10.13 29.21
N ILE A 50 30.09 -9.13 29.05
CA ILE A 50 28.65 -9.34 29.04
C ILE A 50 28.04 -8.35 28.05
N TYR A 51 27.25 -8.85 27.12
CA TYR A 51 26.77 -8.04 26.01
C TYR A 51 25.30 -7.70 26.22
N ALA A 52 24.81 -6.78 25.39
CA ALA A 52 23.50 -6.20 25.58
C ALA A 52 22.36 -7.17 25.32
N SER A 53 22.60 -8.22 24.54
CA SER A 53 21.53 -9.17 24.27
C SER A 53 21.24 -10.07 25.45
N GLY A 54 22.16 -10.16 26.41
CA GLY A 54 21.95 -10.94 27.62
C GLY A 54 22.88 -12.12 27.77
N SER A 55 23.55 -12.54 26.70
CA SER A 55 24.49 -13.64 26.82
C SER A 55 25.77 -13.17 27.48
N THR A 56 26.56 -14.14 27.93
CA THR A 56 27.89 -13.89 28.48
C THR A 56 28.91 -14.70 27.70
N TYR A 57 30.18 -14.40 27.94
CA TYR A 57 31.28 -15.20 27.43
C TYR A 57 32.40 -15.17 28.45
N TYR A 58 33.40 -16.04 28.25
CA TYR A 58 34.53 -16.09 29.17
C TYR A 58 35.80 -16.27 28.36
N ALA A 59 36.93 -15.98 29.01
CA ALA A 59 38.21 -15.93 28.33
C ALA A 59 38.73 -17.34 28.07
N SER A 60 39.96 -17.44 27.56
CA SER A 60 40.52 -18.70 27.14
C SER A 60 41.51 -19.29 28.15
N TRP A 61 41.44 -18.88 29.40
CA TRP A 61 42.28 -19.48 30.43
C TRP A 61 41.56 -19.83 31.72
N ALA A 62 40.43 -19.22 32.03
CA ALA A 62 39.79 -19.44 33.31
C ALA A 62 38.38 -19.98 33.12
N LYS A 63 38.24 -21.01 32.29
CA LYS A 63 36.99 -21.47 31.71
C LYS A 63 35.99 -22.02 32.72
N GLY A 64 36.34 -22.16 33.99
CA GLY A 64 35.36 -22.56 34.99
C GLY A 64 35.61 -21.89 36.31
N ARG A 65 36.53 -20.92 36.31
CA ARG A 65 36.99 -20.33 37.56
C ARG A 65 36.11 -19.19 38.05
N PHE A 66 35.31 -18.59 37.18
CA PHE A 66 34.53 -17.42 37.54
C PHE A 66 33.11 -17.55 37.01
N THR A 67 32.25 -16.66 37.48
CA THR A 67 30.91 -16.53 36.91
C THR A 67 30.44 -15.09 37.06
N ILE A 68 29.75 -14.59 36.03
CA ILE A 68 29.27 -13.22 35.95
C ILE A 68 27.77 -13.25 35.72
N SER A 69 27.05 -12.30 36.32
CA SER A 69 25.60 -12.27 36.19
C SER A 69 25.10 -10.83 36.34
N ARG A 70 24.13 -10.47 35.51
CA ARG A 70 23.55 -9.13 35.53
C ARG A 70 22.33 -9.10 36.44
N THR A 71 22.23 -8.07 37.27
CA THR A 71 21.12 -7.92 38.20
C THR A 71 20.22 -6.73 37.85
N ALA A 72 20.30 -6.24 36.61
CA ALA A 72 19.49 -5.19 35.98
C ALA A 72 19.72 -3.80 36.58
N THR A 73 20.51 -3.67 37.62
CA THR A 73 21.04 -2.38 38.08
C THR A 73 22.50 -2.51 38.47
N THR A 74 22.95 -3.72 38.80
CA THR A 74 24.31 -3.93 39.28
C THR A 74 24.81 -5.20 38.61
N VAL A 75 26.13 -5.33 38.46
CA VAL A 75 26.72 -6.58 37.98
C VAL A 75 27.74 -7.01 39.04
N ASP A 76 28.07 -8.29 39.07
CA ASP A 76 28.86 -8.84 40.17
C ASP A 76 29.93 -9.77 39.63
N LEU A 77 30.60 -10.47 40.53
CA LEU A 77 31.55 -11.52 40.19
C LEU A 77 31.68 -12.45 41.38
N LYS A 78 31.59 -13.75 41.12
CA LYS A 78 31.79 -14.77 42.13
C LYS A 78 33.04 -15.56 41.80
N ILE A 79 33.95 -15.69 42.76
CA ILE A 79 35.10 -16.57 42.61
C ILE A 79 34.76 -17.89 43.26
N THR A 80 35.10 -18.98 42.59
CA THR A 80 34.72 -20.30 43.09
C THR A 80 35.72 -20.81 44.12
N SER A 81 36.95 -21.02 43.72
CA SER A 81 37.92 -21.64 44.61
C SER A 81 39.19 -20.81 44.65
N PRO A 82 39.36 -19.96 45.66
CA PRO A 82 40.54 -19.10 45.70
C PRO A 82 41.79 -19.88 46.09
N THR A 83 42.94 -19.37 45.64
CA THR A 83 44.23 -19.86 46.10
C THR A 83 45.09 -18.67 46.49
N THR A 84 46.37 -18.93 46.72
CA THR A 84 47.23 -17.98 47.42
C THR A 84 48.08 -17.10 46.52
N GLU A 85 48.05 -17.30 45.20
CA GLU A 85 48.78 -16.43 44.29
C GLU A 85 48.00 -15.93 43.09
N ASP A 86 46.67 -16.02 43.07
CA ASP A 86 45.95 -15.51 41.92
C ASP A 86 45.39 -14.12 42.16
N THR A 87 44.96 -13.82 43.37
CA THR A 87 44.15 -12.64 43.65
C THR A 87 45.04 -11.47 44.06
N ALA A 88 45.14 -10.45 43.20
CA ALA A 88 45.79 -9.20 43.57
C ALA A 88 44.85 -8.00 43.48
N THR A 89 44.31 -7.68 42.30
CA THR A 89 43.48 -6.49 42.10
C THR A 89 42.46 -6.76 41.01
N TYR A 90 41.42 -5.91 40.98
CA TYR A 90 40.36 -6.03 39.99
C TYR A 90 39.84 -4.65 39.62
N PHE A 91 39.06 -4.60 38.54
CA PHE A 91 38.68 -3.34 37.92
C PHE A 91 37.19 -3.35 37.56
N CYS A 92 36.77 -2.39 36.74
CA CYS A 92 35.39 -2.24 36.29
C CYS A 92 35.41 -1.59 34.91
N GLY A 93 34.75 -2.22 33.94
CA GLY A 93 35.00 -1.82 32.57
C GLY A 93 34.32 -0.63 31.92
N ARG A 94 32.99 -0.68 31.78
CA ARG A 94 32.21 0.25 30.94
C ARG A 94 32.48 0.24 29.41
N GLY A 95 32.41 -0.97 28.88
CA GLY A 95 32.68 -1.21 27.47
C GLY A 95 33.75 -2.25 27.22
N VAL A 96 34.35 -2.14 26.03
CA VAL A 96 35.55 -2.90 25.71
C VAL A 96 36.74 -1.97 25.58
N SER A 97 36.51 -0.68 25.48
CA SER A 97 37.56 0.32 25.33
C SER A 97 37.06 1.59 25.99
N THR A 98 37.63 2.74 25.61
CA THR A 98 37.18 4.11 25.89
C THR A 98 36.94 4.38 27.37
N ASN A 99 38.04 4.60 28.10
CA ASN A 99 38.18 4.56 29.55
C ASN A 99 37.05 5.14 30.37
N MET A 100 36.41 4.27 31.14
CA MET A 100 35.42 4.63 32.14
C MET A 100 35.69 3.75 33.34
N TRP A 101 36.98 3.49 33.58
CA TRP A 101 37.41 2.45 34.50
C TRP A 101 37.09 2.78 35.95
N GLY A 102 37.64 3.87 36.46
CA GLY A 102 37.44 4.24 37.84
C GLY A 102 38.63 3.85 38.70
N PRO A 103 38.44 3.81 40.02
CA PRO A 103 39.59 3.59 40.90
C PRO A 103 40.01 2.14 41.01
N GLY A 104 39.08 1.20 40.89
CA GLY A 104 39.39 -0.19 41.10
C GLY A 104 39.47 -0.53 42.58
N THR A 105 39.78 -1.79 42.87
CA THR A 105 39.92 -2.24 44.24
C THR A 105 40.93 -3.36 44.32
N LEU A 106 41.32 -3.68 45.55
CA LEU A 106 42.27 -4.73 45.83
C LEU A 106 41.57 -5.82 46.61
N VAL A 107 41.95 -7.06 46.36
CA VAL A 107 41.46 -8.19 47.12
C VAL A 107 42.01 -8.08 48.53
N ASP B 1 43.42 -20.01 21.29
CA ASP B 1 43.78 -18.60 21.33
C ASP B 1 45.23 -18.39 20.88
N LEU B 2 45.45 -17.28 20.21
CA LEU B 2 46.80 -16.85 19.85
C LEU B 2 47.39 -16.00 20.97
N VAL B 3 48.71 -15.84 20.92
CA VAL B 3 49.43 -15.05 21.90
C VAL B 3 50.01 -13.84 21.19
N MET B 4 50.02 -12.70 21.88
CA MET B 4 50.60 -11.50 21.33
C MET B 4 52.12 -11.62 21.24
N THR B 5 52.71 -10.72 20.45
CA THR B 5 54.15 -10.63 20.29
C THR B 5 54.54 -9.18 20.44
N GLN B 6 55.28 -8.87 21.49
CA GLN B 6 55.47 -7.52 22.00
C GLN B 6 56.93 -7.25 22.29
N THR B 7 57.78 -7.49 21.29
CA THR B 7 59.21 -7.70 21.51
C THR B 7 59.99 -6.53 22.12
N PRO B 8 60.12 -5.35 21.46
CA PRO B 8 61.27 -4.50 21.79
C PRO B 8 61.12 -3.71 23.07
N SER B 9 61.82 -4.15 24.12
CA SER B 9 61.81 -3.46 25.41
C SER B 9 62.89 -2.39 25.37
N SER B 10 62.60 -1.30 24.67
CA SER B 10 63.60 -0.30 24.33
C SER B 10 63.80 0.70 25.46
N VAL B 11 64.76 1.58 25.25
CA VAL B 11 65.07 2.70 26.13
C VAL B 11 64.83 3.98 25.35
N SER B 12 64.63 5.07 26.06
CA SER B 12 64.43 6.34 25.38
C SER B 12 65.77 6.93 24.94
N ALA B 13 65.69 7.81 23.97
CA ALA B 13 66.76 8.74 23.66
C ALA B 13 66.55 9.99 24.50
N ALA B 14 67.22 11.08 24.14
CA ALA B 14 67.00 12.35 24.81
C ALA B 14 65.65 12.93 24.42
N VAL B 15 65.29 14.02 25.09
CA VAL B 15 64.02 14.68 24.84
C VAL B 15 64.04 15.31 23.44
N GLY B 16 62.88 15.31 22.79
CA GLY B 16 62.82 15.72 21.40
C GLY B 16 63.43 14.68 20.49
N GLY B 17 62.85 13.49 20.48
CA GLY B 17 63.36 12.42 19.65
C GLY B 17 62.26 11.50 19.12
N THR B 18 62.65 10.31 18.68
CA THR B 18 61.72 9.31 18.16
C THR B 18 61.94 7.98 18.88
N VAL B 19 60.87 7.21 19.00
CA VAL B 19 60.93 5.81 19.39
C VAL B 19 60.03 5.02 18.44
N THR B 20 60.05 3.71 18.59
CA THR B 20 59.22 2.83 17.77
C THR B 20 58.93 1.57 18.55
N ILE B 21 57.66 1.32 18.84
CA ILE B 21 57.29 0.29 19.80
C ILE B 21 56.54 -0.77 19.03
N LYS B 22 56.99 -1.05 17.80
CA LYS B 22 56.22 -1.85 16.86
C LYS B 22 56.07 -3.29 17.34
N CYS B 23 54.85 -3.80 17.25
CA CYS B 23 54.52 -5.14 17.71
C CYS B 23 53.55 -5.76 16.71
N GLN B 24 53.27 -7.04 16.89
CA GLN B 24 52.41 -7.76 15.96
C GLN B 24 51.77 -8.94 16.68
N ALA B 25 50.87 -9.61 15.96
CA ALA B 25 50.23 -10.81 16.47
C ALA B 25 50.43 -11.95 15.48
N SER B 26 49.72 -13.07 15.69
CA SER B 26 50.00 -14.29 14.94
C SER B 26 48.78 -14.82 14.21
N GLN B 27 47.74 -14.00 14.01
CA GLN B 27 46.57 -14.44 13.28
C GLN B 27 46.11 -13.33 12.36
N SER B 28 45.05 -13.61 11.60
CA SER B 28 44.37 -12.57 10.84
C SER B 28 43.46 -11.81 11.80
N LEU B 29 43.83 -10.57 12.11
CA LEU B 29 43.12 -9.84 13.15
C LEU B 29 41.79 -9.29 12.65
N GLY B 30 41.85 -8.41 11.65
CA GLY B 30 40.63 -7.84 11.11
C GLY B 30 40.55 -6.33 11.22
N GLY B 31 39.61 -5.84 12.03
CA GLY B 31 39.34 -4.41 12.08
C GLY B 31 40.40 -3.57 12.74
N GLY B 32 40.57 -3.69 14.04
CA GLY B 32 41.49 -2.81 14.73
C GLY B 32 41.72 -3.22 16.16
N LEU B 33 42.73 -2.59 16.74
CA LEU B 33 43.16 -2.87 18.11
C LEU B 33 43.27 -1.57 18.89
N ALA B 34 43.84 -1.61 20.10
CA ALA B 34 43.94 -0.44 20.95
C ALA B 34 45.33 -0.38 21.58
N TRP B 35 45.61 0.75 22.24
CA TRP B 35 46.90 1.02 22.87
C TRP B 35 46.71 1.86 24.12
N TYR B 36 46.99 1.29 25.28
CA TYR B 36 46.84 1.98 26.56
C TYR B 36 48.19 2.47 27.07
N GLN B 37 48.13 3.25 28.14
CA GLN B 37 49.32 3.75 28.81
C GLN B 37 48.94 4.12 30.23
N GLN B 38 49.70 3.64 31.21
CA GLN B 38 49.37 3.93 32.59
C GLN B 38 50.61 4.09 33.45
N LYS B 39 50.59 5.13 34.27
CA LYS B 39 51.62 5.34 35.28
C LYS B 39 51.45 4.33 36.40
N PRO B 40 52.52 4.01 37.14
CA PRO B 40 52.41 3.01 38.21
C PRO B 40 51.54 3.48 39.35
N GLY B 41 50.50 2.71 39.64
CA GLY B 41 49.64 2.93 40.79
C GLY B 41 48.22 3.33 40.46
N GLN B 42 47.91 3.71 39.23
CA GLN B 42 46.64 4.34 38.91
C GLN B 42 45.86 3.50 37.91
N ARG B 43 44.74 4.05 37.47
CA ARG B 43 43.88 3.38 36.52
C ARG B 43 44.50 3.44 35.13
N PRO B 44 44.08 2.56 34.22
CA PRO B 44 44.52 2.67 32.82
C PRO B 44 43.95 3.91 32.14
N LYS B 45 44.47 4.16 30.94
CA LYS B 45 44.04 5.28 30.10
C LYS B 45 44.43 4.96 28.67
N LEU B 46 43.53 5.21 27.73
CA LEU B 46 43.77 4.78 26.36
C LEU B 46 44.06 5.97 25.46
N LEU B 47 44.70 5.68 24.34
CA LEU B 47 45.11 6.71 23.39
C LEU B 47 44.53 6.50 22.01
N ILE B 48 44.67 5.30 21.46
CA ILE B 48 44.34 5.02 20.07
C ILE B 48 43.39 3.83 20.05
N TYR B 49 42.33 3.92 19.25
CA TYR B 49 41.48 2.77 18.99
C TYR B 49 41.34 2.56 17.50
N SER B 50 41.19 1.28 17.12
CA SER B 50 41.04 0.81 15.74
C SER B 50 42.23 1.17 14.86
N ALA B 51 43.40 1.37 15.49
CA ALA B 51 44.70 1.63 14.86
C ALA B 51 44.70 2.85 13.95
N SER B 52 43.74 3.75 14.11
CA SER B 52 43.51 4.78 13.12
C SER B 52 43.64 6.19 13.68
N THR B 53 42.98 6.48 14.79
CA THR B 53 42.76 7.85 15.21
C THR B 53 43.19 8.05 16.65
N LEU B 54 43.38 9.32 16.99
CA LEU B 54 43.58 9.73 18.35
C LEU B 54 42.23 9.98 19.00
N GLU B 55 42.26 10.45 20.24
CA GLU B 55 41.05 10.74 20.99
C GLU B 55 41.14 12.17 21.51
N SER B 56 39.99 12.76 21.82
CA SER B 56 39.94 14.14 22.29
C SER B 56 40.56 14.26 23.68
N GLY B 57 41.53 15.17 23.81
CA GLY B 57 42.22 15.43 25.06
C GLY B 57 43.69 15.09 25.03
N VAL B 58 44.05 13.96 24.43
CA VAL B 58 45.44 13.59 24.27
C VAL B 58 45.97 14.35 23.06
N PRO B 59 47.15 14.94 23.14
CA PRO B 59 47.66 15.77 22.04
C PRO B 59 48.07 14.93 20.85
N SER B 60 48.36 15.62 19.75
CA SER B 60 48.58 14.99 18.46
C SER B 60 50.03 14.58 18.24
N ARG B 61 50.80 14.38 19.32
CA ARG B 61 52.17 13.90 19.14
C ARG B 61 52.17 12.43 18.71
N PHE B 62 51.26 11.64 19.24
CA PHE B 62 51.20 10.24 18.89
C PHE B 62 50.57 10.07 17.51
N ARG B 63 50.80 8.90 16.92
CA ARG B 63 50.08 8.44 15.74
C ARG B 63 50.21 6.93 15.67
N GLY B 64 49.66 6.36 14.61
CA GLY B 64 49.69 4.91 14.45
C GLY B 64 49.08 4.47 13.15
N SER B 65 49.48 3.32 12.66
CA SER B 65 49.04 2.87 11.34
C SER B 65 49.13 1.33 11.30
N GLY B 66 49.07 0.77 10.11
CA GLY B 66 49.19 -0.66 9.93
C GLY B 66 47.84 -1.32 9.73
N SER B 67 47.86 -2.48 9.10
CA SER B 67 46.65 -3.24 8.83
C SER B 67 46.98 -4.72 8.75
N GLY B 68 46.05 -5.54 9.22
CA GLY B 68 46.26 -6.97 9.15
C GLY B 68 46.92 -7.57 10.38
N THR B 69 48.24 -7.76 10.31
CA THR B 69 48.97 -8.44 11.36
C THR B 69 49.96 -7.54 12.08
N GLU B 70 50.84 -6.86 11.37
CA GLU B 70 51.82 -5.99 12.00
C GLU B 70 51.24 -4.59 12.18
N PHE B 71 51.58 -3.96 13.30
CA PHE B 71 50.98 -2.67 13.64
C PHE B 71 52.00 -1.81 14.35
N THR B 72 52.23 -0.62 13.82
CA THR B 72 53.35 0.22 14.22
C THR B 72 52.88 1.37 15.10
N LEU B 73 53.69 1.70 16.10
CA LEU B 73 53.42 2.80 17.01
C LEU B 73 54.61 3.75 16.95
N THR B 74 54.34 5.04 16.82
CA THR B 74 55.39 6.04 16.72
C THR B 74 55.05 7.20 17.65
N ILE B 75 55.90 7.44 18.62
CA ILE B 75 55.80 8.61 19.46
C ILE B 75 56.80 9.64 18.93
N SER B 76 56.50 10.91 19.15
CA SER B 76 57.44 11.95 18.76
C SER B 76 57.52 13.00 19.86
N ASP B 77 58.63 13.75 19.83
CA ASP B 77 58.96 14.95 20.60
C ASP B 77 59.26 14.72 22.07
N LEU B 78 58.95 13.51 22.57
CA LEU B 78 59.41 12.91 23.83
C LEU B 78 59.48 13.82 25.05
N GLU B 79 58.35 14.37 25.47
CA GLU B 79 58.30 15.09 26.72
C GLU B 79 58.58 14.13 27.88
N CYS B 80 59.40 14.60 28.84
CA CYS B 80 59.92 13.74 29.89
C CYS B 80 58.84 13.31 30.89
N ALA B 81 57.71 14.02 30.95
CA ALA B 81 56.66 13.63 31.88
C ALA B 81 55.96 12.33 31.47
N ASP B 82 56.01 11.99 30.19
CA ASP B 82 55.30 10.83 29.66
C ASP B 82 56.29 9.70 29.49
N ALA B 83 56.43 8.88 30.53
CA ALA B 83 57.31 7.72 30.48
C ALA B 83 56.76 6.67 31.43
N ALA B 84 56.20 5.62 30.87
CA ALA B 84 55.66 4.51 31.64
C ALA B 84 55.62 3.29 30.73
N THR B 85 54.90 2.26 31.14
CA THR B 85 54.78 1.04 30.35
C THR B 85 53.68 1.24 29.31
N TYR B 86 53.74 0.45 28.25
CA TYR B 86 52.73 0.47 27.20
C TYR B 86 52.26 -0.95 26.92
N TYR B 87 51.14 -1.06 26.21
CA TYR B 87 50.44 -2.34 26.13
C TYR B 87 49.92 -2.51 24.71
N CYS B 88 49.00 -3.46 24.55
CA CYS B 88 48.23 -3.65 23.33
C CYS B 88 46.99 -4.48 23.69
N GLN B 89 45.90 -4.26 22.96
CA GLN B 89 44.66 -4.98 23.21
C GLN B 89 43.91 -5.23 21.92
N SER B 90 43.62 -6.50 21.65
CA SER B 90 42.78 -6.88 20.53
C SER B 90 41.31 -6.80 20.91
N ALA B 91 40.47 -6.49 19.92
CA ALA B 91 39.03 -6.39 20.13
C ALA B 91 38.34 -6.88 18.86
N TYR B 92 37.85 -8.12 18.90
CA TYR B 92 37.26 -8.71 17.70
C TYR B 92 35.99 -9.49 17.96
N GLY B 93 35.65 -9.80 19.20
CA GLY B 93 34.41 -10.48 19.50
C GLY B 93 34.49 -11.97 19.27
N PRO B 94 33.46 -12.70 19.70
CA PRO B 94 33.50 -14.16 19.59
C PRO B 94 33.35 -14.64 18.16
N THR B 95 34.03 -15.74 17.88
CA THR B 95 33.92 -16.46 16.61
C THR B 95 34.22 -17.92 16.90
N SER B 96 34.55 -18.68 15.86
CA SER B 96 35.05 -20.04 16.05
C SER B 96 36.36 -20.02 16.82
N ASN B 97 36.59 -21.11 17.57
CA ASN B 97 37.76 -21.31 18.43
C ASN B 97 37.88 -20.19 19.48
N GLY B 98 36.75 -19.83 20.08
CA GLY B 98 36.77 -18.99 21.25
C GLY B 98 37.02 -17.51 20.99
N LEU B 99 37.29 -16.81 22.09
CA LEU B 99 37.38 -15.36 22.12
C LEU B 99 38.68 -14.88 21.48
N PHE B 100 38.77 -13.57 21.28
CA PHE B 100 39.96 -12.99 20.66
C PHE B 100 40.33 -11.64 21.29
N ASN B 101 40.08 -11.47 22.59
CA ASN B 101 40.24 -10.18 23.25
C ASN B 101 41.04 -10.33 24.53
N ALA B 102 42.36 -10.18 24.44
CA ALA B 102 43.20 -10.27 25.62
C ALA B 102 44.40 -9.36 25.46
N PHE B 103 44.99 -8.99 26.59
CA PHE B 103 46.15 -8.13 26.57
C PHE B 103 47.38 -8.95 26.17
N GLY B 104 48.48 -8.25 25.93
CA GLY B 104 49.73 -8.95 25.71
C GLY B 104 50.95 -8.35 26.35
N GLY B 105 51.57 -9.09 27.27
CA GLY B 105 52.90 -8.79 27.80
C GLY B 105 53.00 -7.45 28.49
N GLY B 106 54.08 -6.74 28.19
CA GLY B 106 54.35 -5.43 28.72
C GLY B 106 55.60 -4.84 28.09
N THR B 107 55.65 -3.52 27.93
CA THR B 107 56.81 -2.85 27.39
C THR B 107 56.91 -1.46 28.00
N LYS B 108 58.03 -1.17 28.66
CA LYS B 108 58.24 0.11 29.30
C LYS B 108 59.38 0.86 28.64
N VAL B 109 59.39 2.17 28.84
CA VAL B 109 60.48 3.02 28.39
C VAL B 109 61.16 3.61 29.63
N VAL B 110 62.43 3.97 29.46
CA VAL B 110 63.22 4.55 30.54
C VAL B 110 63.70 5.91 30.05
N ILE B 111 63.23 6.98 30.71
CA ILE B 111 63.59 8.33 30.31
C ILE B 111 65.06 8.60 30.64
N LYS B 112 65.79 9.16 29.69
CA LYS B 112 67.20 9.52 29.92
C LYS B 112 67.40 11.03 29.88
N THR C 23 -30.21 -12.70 -26.90
CA THR C 23 -30.14 -13.73 -27.92
C THR C 23 -29.02 -14.71 -27.65
N SER C 24 -29.37 -15.98 -27.50
CA SER C 24 -28.40 -17.03 -27.25
C SER C 24 -27.94 -17.62 -28.58
N PHE C 25 -27.22 -18.73 -28.50
CA PHE C 25 -26.81 -19.45 -29.70
C PHE C 25 -28.01 -20.16 -30.32
N PRO C 26 -28.14 -20.14 -31.64
CA PRO C 26 -29.32 -20.70 -32.30
C PRO C 26 -29.17 -22.17 -32.66
N PHE C 27 -30.17 -22.69 -33.38
CA PHE C 27 -30.21 -24.10 -33.78
C PHE C 27 -29.04 -24.44 -34.70
N ARG C 28 -28.51 -25.65 -34.54
CA ARG C 28 -27.33 -26.08 -35.28
C ARG C 28 -27.26 -27.60 -35.35
N VAL C 29 -26.38 -28.09 -36.20
CA VAL C 29 -26.20 -29.53 -36.46
C VAL C 29 -24.69 -29.76 -36.61
N CYS C 30 -24.19 -30.81 -35.94
CA CYS C 30 -22.76 -31.10 -35.89
C CYS C 30 -22.45 -32.45 -36.54
N GLU C 31 -21.21 -32.59 -37.00
CA GLU C 31 -20.75 -33.74 -37.77
C GLU C 31 -19.22 -33.80 -37.68
N LEU C 32 -18.59 -34.53 -38.61
CA LEU C 32 -17.15 -34.54 -38.87
C LEU C 32 -16.34 -35.05 -37.68
N SER C 33 -16.48 -36.36 -37.45
CA SER C 33 -15.63 -37.07 -36.51
C SER C 33 -14.21 -37.26 -37.01
N SER C 34 -13.92 -36.98 -38.28
CA SER C 34 -12.63 -37.35 -38.84
C SER C 34 -11.53 -36.34 -38.48
N HIS C 35 -11.68 -35.10 -38.94
CA HIS C 35 -10.58 -34.14 -38.85
C HIS C 35 -11.10 -32.78 -38.41
N GLY C 36 -10.45 -32.21 -37.41
CA GLY C 36 -10.68 -30.84 -37.02
C GLY C 36 -9.35 -30.22 -36.65
N ASP C 37 -9.26 -29.61 -35.49
CA ASP C 37 -7.98 -29.26 -34.90
C ASP C 37 -7.70 -30.20 -33.74
N LEU C 38 -6.60 -29.95 -33.06
CA LEU C 38 -6.13 -30.86 -32.01
C LEU C 38 -5.90 -30.07 -30.74
N PHE C 39 -6.30 -30.65 -29.60
CA PHE C 39 -6.13 -30.01 -28.31
C PHE C 39 -5.82 -31.06 -27.26
N ARG C 40 -5.00 -30.69 -26.29
CA ARG C 40 -4.49 -31.63 -25.31
C ARG C 40 -4.51 -30.97 -23.93
N PHE C 41 -4.96 -31.73 -22.94
CA PHE C 41 -5.04 -31.23 -21.57
C PHE C 41 -3.65 -31.14 -20.95
N SER C 42 -3.32 -29.97 -20.39
CA SER C 42 -2.05 -29.81 -19.73
C SER C 42 -1.99 -30.62 -18.44
N SER C 43 -0.77 -30.89 -17.98
CA SER C 43 -0.59 -31.71 -16.80
C SER C 43 0.45 -31.18 -15.82
N ASP C 44 1.19 -30.14 -16.16
CA ASP C 44 2.30 -29.66 -15.35
C ASP C 44 2.26 -28.15 -15.22
N ILE C 45 1.09 -27.61 -14.88
CA ILE C 45 0.92 -26.17 -14.75
C ILE C 45 1.70 -25.70 -13.51
N GLN C 46 2.65 -24.79 -13.73
CA GLN C 46 3.50 -24.27 -12.69
C GLN C 46 2.78 -23.14 -11.95
N CYS C 47 3.49 -22.51 -11.01
CA CYS C 47 2.96 -21.34 -10.33
C CYS C 47 3.67 -20.06 -10.79
N PRO C 48 3.03 -19.26 -11.67
CA PRO C 48 3.66 -17.99 -12.12
C PRO C 48 3.44 -16.85 -11.12
N SER C 49 4.28 -16.84 -10.08
CA SER C 49 4.14 -15.89 -8.99
C SER C 49 4.61 -14.50 -9.42
N PHE C 50 4.58 -13.56 -8.48
CA PHE C 50 4.90 -12.17 -8.76
C PHE C 50 6.39 -11.91 -8.75
N GLU C 54 14.29 -5.86 -3.48
CA GLU C 54 13.50 -6.28 -2.33
C GLU C 54 14.43 -6.63 -1.17
N ASN C 55 15.72 -6.70 -1.49
CA ASN C 55 16.75 -6.97 -0.50
C ASN C 55 16.90 -5.80 0.47
N HIS C 56 17.54 -6.05 1.60
CA HIS C 56 17.60 -5.05 2.65
C HIS C 56 18.76 -5.34 3.60
N THR C 57 19.47 -4.29 3.98
CA THR C 57 20.60 -4.36 4.89
C THR C 57 20.29 -3.59 6.17
N GLU C 58 20.95 -3.96 7.26
CA GLU C 58 20.74 -3.30 8.54
C GLU C 58 21.75 -2.19 8.74
N GLY C 59 21.53 -1.36 9.75
CA GLY C 59 22.37 -0.18 9.86
C GLY C 59 22.31 0.50 11.22
N LEU C 60 23.07 1.58 11.33
CA LEU C 60 23.25 2.33 12.57
C LEU C 60 23.23 3.83 12.32
N LEU C 61 22.18 4.34 11.67
CA LEU C 61 22.20 5.72 11.18
C LEU C 61 22.15 6.73 12.31
N MET C 62 22.51 7.97 11.98
CA MET C 62 22.67 9.02 12.97
C MET C 62 22.59 10.36 12.26
N VAL C 63 21.60 11.17 12.61
CA VAL C 63 21.12 12.27 11.78
C VAL C 63 21.35 13.60 12.48
N PHE C 64 21.76 14.61 11.72
CA PHE C 64 21.94 15.96 12.22
C PHE C 64 20.97 16.94 11.56
N LYS C 65 20.64 18.01 12.28
CA LYS C 65 19.81 19.09 11.78
C LYS C 65 20.64 20.36 11.72
N ASP C 66 20.07 21.39 11.11
CA ASP C 66 20.79 22.63 11.04
C ASP C 66 20.73 23.34 12.39
N ASN C 67 21.67 24.26 12.60
CA ASN C 67 21.81 24.97 13.87
C ASN C 67 21.30 26.39 13.73
N ILE C 68 20.69 26.90 14.80
CA ILE C 68 20.13 28.24 14.81
C ILE C 68 20.61 28.99 16.02
N ILE C 69 21.28 28.28 16.93
CA ILE C 69 21.69 28.89 18.20
C ILE C 69 22.87 29.83 17.95
N PRO C 70 22.81 31.08 18.39
CA PRO C 70 23.94 31.98 18.21
C PRO C 70 25.08 31.64 19.16
N TYR C 71 26.27 32.07 18.78
CA TYR C 71 27.48 31.75 19.50
C TYR C 71 27.71 32.75 20.64
N SER C 72 28.30 32.28 21.74
CA SER C 72 28.47 33.14 22.91
C SER C 72 29.84 32.91 23.53
N PHE C 73 30.18 33.81 24.45
CA PHE C 73 31.43 33.80 25.21
C PHE C 73 31.27 34.76 26.40
N LYS C 74 32.36 35.02 27.09
CA LYS C 74 32.38 35.91 28.25
C LYS C 74 33.05 37.22 27.89
N VAL C 75 32.82 38.24 28.70
CA VAL C 75 33.36 39.58 28.44
C VAL C 75 33.38 40.35 29.76
N ARG C 76 34.21 41.39 29.81
CA ARG C 76 34.37 42.24 31.00
C ARG C 76 34.76 43.64 30.55
N SER C 77 34.09 44.66 31.11
CA SER C 77 34.24 46.04 30.65
C SER C 77 34.90 46.91 31.70
N TYR C 78 35.60 47.95 31.23
CA TYR C 78 36.32 48.90 32.08
C TYR C 78 35.84 50.31 31.79
N THR C 79 35.52 51.06 32.85
CA THR C 79 35.20 52.48 32.71
C THR C 79 35.49 53.22 34.00
N LYS C 80 35.54 54.55 33.90
CA LYS C 80 35.85 55.42 35.03
C LYS C 80 35.09 56.73 34.87
N ILE C 81 34.39 57.14 35.93
CA ILE C 81 33.40 58.21 35.84
C ILE C 81 34.01 59.51 36.32
N VAL C 82 33.59 60.62 35.71
CA VAL C 82 33.91 61.98 36.14
C VAL C 82 32.59 62.72 36.25
N THR C 83 32.31 63.26 37.44
CA THR C 83 31.03 63.89 37.72
C THR C 83 31.16 65.39 37.85
N ASN C 84 30.10 66.09 37.45
CA ASN C 84 29.97 67.54 37.62
C ASN C 84 28.51 67.80 38.00
N ILE C 85 28.27 67.92 39.29
CA ILE C 85 26.92 68.14 39.82
C ILE C 85 26.84 69.57 40.32
N LEU C 86 25.90 70.34 39.79
CA LEU C 86 25.79 71.77 40.11
C LEU C 86 24.96 71.92 41.39
N ILE C 87 25.63 72.23 42.48
CA ILE C 87 24.99 72.66 43.72
C ILE C 87 25.04 74.19 43.78
N TYR C 88 23.94 74.80 44.21
CA TYR C 88 23.85 76.25 44.29
C TYR C 88 23.43 76.65 45.69
N ASN C 89 24.14 77.63 46.24
CA ASN C 89 23.85 78.19 47.56
C ASN C 89 23.41 79.64 47.36
N GLY C 90 22.10 79.84 47.24
CA GLY C 90 21.57 81.17 47.01
C GLY C 90 20.78 81.74 48.16
N HIS C 91 19.83 82.61 47.86
CA HIS C 91 19.05 83.30 48.90
C HIS C 91 17.76 82.57 49.22
N ARG C 92 16.93 82.30 48.20
CA ARG C 92 15.61 81.72 48.45
C ARG C 92 15.66 80.20 48.58
N ALA C 93 16.17 79.52 47.55
CA ALA C 93 16.21 78.08 47.55
C ALA C 93 17.37 77.59 46.71
N ASP C 94 17.88 76.40 47.06
CA ASP C 94 18.99 75.81 46.33
C ASP C 94 18.53 75.27 44.99
N SER C 95 19.40 75.39 43.98
CA SER C 95 19.08 75.01 42.61
C SER C 95 19.85 73.74 42.23
N VAL C 96 19.26 72.58 42.51
CA VAL C 96 19.83 71.31 42.06
C VAL C 96 19.58 70.99 40.58
N THR C 97 20.51 71.42 39.72
CA THR C 97 20.21 71.49 38.29
C THR C 97 20.94 70.49 37.40
N ASN C 98 22.26 70.55 37.32
CA ASN C 98 22.99 69.85 36.27
C ASN C 98 23.45 68.49 36.77
N ARG C 99 23.23 67.48 35.93
CA ARG C 99 23.73 66.12 36.16
C ARG C 99 24.65 65.80 34.98
N HIS C 100 25.95 65.68 35.23
CA HIS C 100 26.92 65.46 34.17
C HIS C 100 27.59 64.10 34.34
N GLU C 101 27.57 63.31 33.28
CA GLU C 101 28.32 62.06 33.18
C GLU C 101 29.50 62.26 32.24
N GLU C 102 30.68 61.84 32.68
CA GLU C 102 31.87 61.79 31.84
C GLU C 102 32.58 60.47 32.13
N LYS C 103 32.19 59.41 31.42
CA LYS C 103 32.88 58.14 31.54
C LYS C 103 34.20 58.21 30.77
N PHE C 104 35.31 57.99 31.46
CA PHE C 104 36.61 58.10 30.83
C PHE C 104 37.32 56.75 30.84
N SER C 105 38.21 56.58 29.86
CA SER C 105 38.82 55.29 29.55
C SER C 105 40.20 55.19 30.18
N VAL C 106 40.50 54.02 30.73
CA VAL C 106 41.78 53.80 31.38
C VAL C 106 42.81 53.41 30.32
N GLU C 107 44.02 53.95 30.45
CA GLU C 107 45.11 53.58 29.57
C GLU C 107 45.55 52.14 29.81
N SER C 108 46.30 51.60 28.84
CA SER C 108 46.54 50.16 28.77
C SER C 108 47.53 49.70 29.84
N TYR C 109 48.50 50.54 30.18
CA TYR C 109 49.63 50.10 31.00
C TYR C 109 49.31 50.00 32.48
N GLU C 110 48.05 50.19 32.88
CA GLU C 110 47.72 50.12 34.30
C GLU C 110 46.42 49.37 34.57
N THR C 111 45.85 48.70 33.56
CA THR C 111 44.64 47.93 33.79
C THR C 111 44.92 46.67 34.60
N ASP C 112 46.14 46.14 34.49
CA ASP C 112 46.47 44.81 35.00
C ASP C 112 46.39 44.74 36.51
N GLN C 113 46.65 45.85 37.21
CA GLN C 113 46.52 45.86 38.65
C GLN C 113 45.07 45.75 39.11
N MET C 114 44.11 46.13 38.26
CA MET C 114 42.71 45.90 38.59
C MET C 114 42.33 44.43 38.53
N ASP C 115 43.17 43.59 37.93
CA ASP C 115 42.88 42.17 37.80
C ASP C 115 43.66 41.30 38.77
N THR C 116 44.87 41.68 39.14
CA THR C 116 45.74 40.79 39.92
C THR C 116 45.29 40.70 41.38
N ILE C 117 45.38 41.81 42.10
CA ILE C 117 44.91 41.88 43.48
C ILE C 117 43.69 42.78 43.59
N TYR C 118 43.19 43.28 42.45
CA TYR C 118 42.00 44.12 42.31
C TYR C 118 42.15 45.42 43.11
N GLN C 119 43.12 46.22 42.68
CA GLN C 119 43.29 47.57 43.20
C GLN C 119 43.01 48.60 42.12
N CYS C 120 42.49 49.75 42.53
CA CYS C 120 41.94 50.74 41.60
C CYS C 120 42.68 52.06 41.72
N TYR C 121 43.04 52.63 40.57
CA TYR C 121 43.69 53.93 40.55
C TYR C 121 42.69 55.03 40.88
N ASN C 122 43.18 56.11 41.48
CA ASN C 122 42.31 57.11 42.10
C ASN C 122 42.16 58.39 41.29
N ALA C 123 43.28 59.02 40.93
CA ALA C 123 43.21 60.32 40.27
C ALA C 123 42.86 60.13 38.79
N VAL C 124 42.50 61.23 38.15
CA VAL C 124 42.27 61.26 36.71
C VAL C 124 43.34 62.15 36.07
N LYS C 125 43.96 61.64 35.02
CA LYS C 125 44.94 62.39 34.25
C LYS C 125 44.41 62.59 32.85
N MET C 126 44.19 63.86 32.47
CA MET C 126 43.48 64.18 31.24
C MET C 126 44.24 65.28 30.50
N THR C 127 44.40 65.09 29.20
CA THR C 127 44.96 66.10 28.31
C THR C 127 43.93 66.44 27.23
N LYS C 128 43.91 67.70 26.82
CA LYS C 128 42.93 68.15 25.84
C LYS C 128 43.52 69.33 25.06
N ASP C 129 43.86 69.09 23.79
CA ASP C 129 44.34 70.11 22.85
C ASP C 129 45.60 70.82 23.34
N GLY C 130 46.54 70.02 23.85
CA GLY C 130 47.77 70.53 24.43
C GLY C 130 47.68 70.87 25.91
N LEU C 131 46.51 71.31 26.36
CA LEU C 131 46.31 71.65 27.76
C LEU C 131 46.24 70.38 28.60
N THR C 132 46.43 70.55 29.91
CA THR C 132 46.41 69.43 30.85
C THR C 132 45.70 69.86 32.12
N ARG C 133 44.71 69.08 32.55
CA ARG C 133 43.95 69.38 33.75
C ARG C 133 43.98 68.18 34.68
N VAL C 134 44.00 68.47 35.99
CA VAL C 134 44.07 67.46 37.03
C VAL C 134 42.92 67.70 38.00
N TYR C 135 42.12 66.67 38.24
CA TYR C 135 41.00 66.73 39.17
C TYR C 135 41.23 65.65 40.22
N VAL C 136 41.80 66.03 41.36
CA VAL C 136 42.01 65.07 42.43
C VAL C 136 40.68 64.79 43.14
N ASP C 137 40.68 63.72 43.92
CA ASP C 137 39.50 63.30 44.68
C ASP C 137 39.82 63.47 46.18
N ARG C 138 39.47 64.64 46.71
CA ARG C 138 39.68 65.05 48.11
C ARG C 138 41.15 64.96 48.48
N ASP C 139 41.92 65.86 47.86
CA ASP C 139 43.39 65.87 47.78
C ASP C 139 43.95 64.45 47.59
N GLY C 140 43.57 63.84 46.48
CA GLY C 140 43.82 62.43 46.27
C GLY C 140 45.27 62.09 46.03
N VAL C 141 45.53 60.79 46.09
CA VAL C 141 46.87 60.22 46.04
C VAL C 141 47.07 59.59 44.66
N ASN C 142 48.30 59.63 44.16
CA ASN C 142 48.68 58.95 42.93
C ASN C 142 48.84 57.44 43.11
N ILE C 143 48.57 56.92 44.29
CA ILE C 143 48.69 55.50 44.58
C ILE C 143 47.26 54.94 44.69
N THR C 144 47.13 53.63 44.48
CA THR C 144 45.85 53.00 44.24
C THR C 144 45.01 52.88 45.52
N VAL C 145 43.80 52.31 45.34
CA VAL C 145 42.85 52.06 46.41
C VAL C 145 42.19 50.72 46.11
N ASN C 146 41.58 50.12 47.13
CA ASN C 146 40.89 48.85 46.98
C ASN C 146 39.49 49.05 46.40
N LEU C 147 38.67 48.00 46.45
CA LEU C 147 37.32 48.02 45.90
C LEU C 147 36.41 47.16 46.77
N LYS C 148 35.16 46.98 46.31
CA LYS C 148 34.18 46.17 47.02
C LYS C 148 33.08 45.76 46.05
N PRO C 149 32.60 44.52 46.11
CA PRO C 149 31.42 44.16 45.33
C PRO C 149 30.18 44.86 45.83
N THR C 150 29.34 45.30 44.90
CA THR C 150 28.11 46.00 45.22
C THR C 150 26.92 45.04 45.11
N GLY C 151 25.74 45.56 45.40
CA GLY C 151 24.53 44.78 45.24
C GLY C 151 24.16 44.60 43.78
N GLY C 152 23.24 43.67 43.54
CA GLY C 152 22.81 43.40 42.18
C GLY C 152 21.50 42.66 42.16
N LEU C 153 20.97 42.53 40.94
CA LEU C 153 19.71 41.83 40.72
C LEU C 153 19.95 40.33 40.72
N ALA C 154 18.85 39.59 40.82
CA ALA C 154 18.93 38.13 40.77
C ALA C 154 19.28 37.68 39.36
N ASN C 155 20.29 36.79 39.28
CA ASN C 155 20.95 36.31 38.05
C ASN C 155 21.13 37.41 37.00
N GLY C 156 21.62 38.56 37.44
CA GLY C 156 21.82 39.67 36.54
C GLY C 156 23.25 39.80 36.07
N VAL C 157 23.85 40.94 36.36
CA VAL C 157 25.19 41.29 35.91
C VAL C 157 26.08 41.44 37.13
N ARG C 158 27.25 40.81 37.11
CA ARG C 158 28.21 40.96 38.19
C ARG C 158 29.08 42.18 37.94
N ARG C 159 29.19 43.04 38.94
CA ARG C 159 29.76 44.37 38.75
C ARG C 159 30.38 44.84 40.06
N TYR C 160 31.59 45.40 39.99
CA TYR C 160 32.29 45.87 41.18
C TYR C 160 32.58 47.36 41.07
N ALA C 161 32.47 48.05 42.21
CA ALA C 161 32.68 49.49 42.32
C ALA C 161 33.83 49.78 43.27
N SER C 162 34.28 51.04 43.25
CA SER C 162 35.48 51.44 43.99
C SER C 162 35.26 52.73 44.78
N GLN C 163 34.05 52.95 45.28
CA GLN C 163 33.80 54.10 46.14
C GLN C 163 32.62 53.79 47.05
N THR C 164 32.77 54.10 48.33
CA THR C 164 31.70 53.86 49.29
C THR C 164 31.31 55.15 50.00
N THR C 179 30.04 73.76 41.50
CA THR C 179 29.91 72.42 40.94
C THR C 179 31.00 71.51 41.53
N ARG C 180 30.60 70.70 42.52
CA ARG C 180 31.58 69.87 43.22
C ARG C 180 31.99 68.67 42.37
N THR C 181 33.14 68.12 42.69
CA THR C 181 33.77 67.07 41.90
C THR C 181 33.94 65.81 42.73
N THR C 182 33.52 64.68 42.17
CA THR C 182 33.88 63.37 42.69
C THR C 182 33.94 62.40 41.51
N VAL C 183 34.73 61.34 41.68
CA VAL C 183 35.03 60.40 40.61
C VAL C 183 35.00 58.98 41.17
N ASN C 184 34.97 58.01 40.26
CA ASN C 184 35.01 56.60 40.63
C ASN C 184 35.43 55.78 39.41
N CYS C 185 36.00 54.61 39.69
CA CYS C 185 36.25 53.56 38.71
C CYS C 185 35.11 52.54 38.76
N LEU C 186 34.98 51.78 37.67
CA LEU C 186 33.94 50.77 37.58
C LEU C 186 34.43 49.60 36.73
N ILE C 187 34.16 48.39 37.20
CA ILE C 187 34.38 47.20 36.41
C ILE C 187 33.11 46.38 36.42
N THR C 188 32.84 45.71 35.30
CA THR C 188 31.60 44.99 35.07
C THR C 188 31.91 43.69 34.34
N ASP C 189 31.17 42.63 34.67
CA ASP C 189 31.35 41.32 34.06
C ASP C 189 29.99 40.84 33.56
N MET C 190 29.93 40.48 32.28
CA MET C 190 28.65 40.10 31.67
C MET C 190 28.90 39.13 30.53
N MET C 191 27.83 38.79 29.81
CA MET C 191 27.83 37.86 28.70
C MET C 191 27.49 38.61 27.42
N ALA C 192 27.74 37.98 26.27
CA ALA C 192 27.42 38.59 24.99
C ALA C 192 27.10 37.50 23.98
N LYS C 193 26.66 37.91 22.79
CA LYS C 193 26.33 36.95 21.75
C LYS C 193 26.43 37.61 20.39
N SER C 194 26.68 36.80 19.36
CA SER C 194 26.84 37.26 18.00
C SER C 194 26.14 36.33 17.03
N ASN C 195 25.91 36.84 15.82
CA ASN C 195 25.15 36.12 14.81
C ASN C 195 26.08 35.28 13.95
N SER C 196 25.53 34.68 12.90
CA SER C 196 26.25 33.65 12.17
C SER C 196 27.35 34.18 11.24
N PRO C 197 27.09 35.01 10.19
CA PRO C 197 28.20 35.28 9.27
C PRO C 197 29.05 36.46 9.69
N PHE C 198 29.27 36.60 11.01
CA PHE C 198 30.35 37.34 11.66
C PHE C 198 30.54 38.75 11.12
N ASP C 199 29.53 39.57 11.37
CA ASP C 199 29.61 40.98 11.02
C ASP C 199 29.81 41.85 12.25
N PHE C 200 29.02 41.63 13.29
CA PHE C 200 29.05 42.49 14.46
C PHE C 200 28.53 41.72 15.64
N PHE C 201 29.06 42.01 16.82
CA PHE C 201 28.62 41.35 18.02
C PHE C 201 28.09 42.40 18.99
N VAL C 202 27.04 42.04 19.72
CA VAL C 202 26.32 42.97 20.59
C VAL C 202 26.26 42.37 21.98
N THR C 203 26.69 43.15 22.97
CA THR C 203 26.63 42.71 24.36
C THR C 203 25.20 42.78 24.89
N THR C 204 25.05 42.46 26.17
CA THR C 204 23.75 42.39 26.81
C THR C 204 23.28 43.73 27.34
N THR C 205 23.88 44.83 26.93
CA THR C 205 23.43 46.12 27.43
C THR C 205 23.23 47.09 26.28
N GLY C 206 23.97 46.93 25.19
CA GLY C 206 23.69 47.72 24.01
C GLY C 206 24.89 48.39 23.39
N GLN C 207 26.07 48.15 23.94
CA GLN C 207 27.28 48.79 23.43
C GLN C 207 27.77 48.01 22.23
N THR C 208 27.17 48.28 21.08
CA THR C 208 27.48 47.56 19.85
C THR C 208 28.78 48.07 19.27
N VAL C 209 29.57 47.16 18.70
CA VAL C 209 30.84 47.56 18.11
C VAL C 209 31.23 46.66 16.93
N GLU C 210 31.41 47.27 15.77
CA GLU C 210 31.49 46.56 14.49
C GLU C 210 32.86 45.93 14.32
N MET C 211 32.95 44.65 14.68
CA MET C 211 34.17 43.87 14.47
C MET C 211 33.84 42.40 14.59
N SER C 212 34.65 41.58 13.93
CA SER C 212 34.56 40.14 14.11
C SER C 212 35.05 39.76 15.50
N PRO C 213 34.54 38.67 16.08
CA PRO C 213 35.15 38.14 17.29
C PRO C 213 36.36 37.29 17.04
N PHE C 214 36.74 37.05 15.79
CA PHE C 214 37.95 36.30 15.47
C PHE C 214 38.81 37.15 14.54
N TYR C 215 39.65 38.00 15.13
CA TYR C 215 40.50 38.88 14.34
C TYR C 215 41.70 39.26 15.20
N ASP C 216 42.83 38.64 14.94
CA ASP C 216 44.06 38.93 15.66
C ASP C 216 45.13 39.54 14.78
N GLY C 217 44.72 40.13 13.66
CA GLY C 217 45.68 40.62 12.69
C GLY C 217 46.15 39.52 11.76
N LYS C 218 46.44 39.91 10.51
CA LYS C 218 46.98 39.03 9.47
C LYS C 218 46.04 37.85 9.17
N ASN C 219 44.76 38.15 9.08
CA ASN C 219 43.74 37.16 8.72
C ASN C 219 42.54 37.89 8.13
N THR C 220 42.24 37.62 6.86
CA THR C 220 41.28 38.41 6.10
C THR C 220 39.85 38.07 6.55
N GLU C 221 39.44 38.70 7.65
CA GLU C 221 38.08 38.59 8.17
C GLU C 221 37.43 39.97 8.15
N THR C 222 36.18 40.01 8.57
CA THR C 222 35.43 41.26 8.53
C THR C 222 35.85 42.17 9.67
N PHE C 223 36.20 43.40 9.34
CA PHE C 223 36.72 44.32 10.34
C PHE C 223 36.51 45.75 9.84
N HIS C 224 35.96 46.61 10.69
CA HIS C 224 35.62 47.94 10.24
C HIS C 224 35.93 49.04 11.26
N GLU C 225 36.69 48.73 12.30
CA GLU C 225 37.11 49.81 13.17
C GLU C 225 38.30 50.54 12.55
N ARG C 226 38.52 51.78 12.98
CA ARG C 226 39.42 52.72 12.33
C ARG C 226 40.88 52.28 12.28
N ALA C 227 41.54 52.25 13.44
CA ALA C 227 42.97 51.98 13.52
C ALA C 227 43.34 51.76 14.98
N ASP C 228 44.54 51.19 15.17
CA ASP C 228 45.39 51.15 16.36
C ASP C 228 44.66 51.02 17.69
N SER C 229 43.65 50.16 17.73
CA SER C 229 42.87 49.94 18.95
C SER C 229 42.94 48.48 19.35
N PHE C 230 44.05 47.83 19.05
CA PHE C 230 44.22 46.41 19.32
C PHE C 230 45.53 46.17 20.04
N HIS C 231 45.48 45.25 21.00
CA HIS C 231 46.65 44.77 21.69
C HIS C 231 46.44 43.32 22.06
N VAL C 232 47.48 42.52 21.90
CA VAL C 232 47.47 41.12 22.33
C VAL C 232 48.67 40.97 23.25
N ARG C 233 48.48 41.22 24.55
CA ARG C 233 49.57 41.01 25.49
C ARG C 233 49.62 39.52 25.81
N THR C 234 50.72 38.88 25.42
CA THR C 234 50.73 37.43 25.32
C THR C 234 50.92 36.80 26.69
N ASN C 235 49.96 35.93 27.05
CA ASN C 235 49.89 35.10 28.27
C ASN C 235 50.24 35.83 29.56
N TYR C 236 49.39 36.78 29.95
CA TYR C 236 49.39 37.26 31.32
C TYR C 236 48.00 37.09 31.92
N LYS C 237 47.97 36.68 33.18
CA LYS C 237 46.83 35.98 33.76
C LYS C 237 45.86 36.95 34.41
N ILE C 238 44.62 36.50 34.53
CA ILE C 238 43.57 37.17 35.30
C ILE C 238 43.09 36.20 36.37
N VAL C 239 42.89 36.70 37.57
CA VAL C 239 42.44 35.89 38.70
C VAL C 239 41.01 36.30 39.02
N ASP C 240 40.17 35.31 39.34
CA ASP C 240 38.72 35.45 39.33
C ASP C 240 38.13 35.78 40.70
N TYR C 241 38.82 36.60 41.49
CA TYR C 241 38.32 37.28 42.68
C TYR C 241 37.99 36.36 43.87
N ASP C 242 38.08 35.05 43.68
CA ASP C 242 37.98 34.14 44.82
C ASP C 242 39.28 34.12 45.61
N ASN C 243 40.41 34.11 44.92
CA ASN C 243 41.73 34.24 45.49
C ASN C 243 42.45 35.40 44.82
N ARG C 244 43.74 35.55 45.14
CA ARG C 244 44.57 36.56 44.49
C ARG C 244 45.98 36.07 44.21
N GLY C 245 46.27 34.79 44.40
CA GLY C 245 47.63 34.32 44.27
C GLY C 245 47.86 33.15 43.32
N THR C 246 46.79 32.45 42.95
CA THR C 246 46.93 31.26 42.13
C THR C 246 47.27 31.62 40.69
N ASN C 247 48.12 30.82 40.07
CA ASN C 247 48.64 31.12 38.73
C ASN C 247 48.08 30.12 37.72
N PRO C 248 47.08 30.48 36.93
CA PRO C 248 46.59 29.57 35.90
C PRO C 248 47.43 29.65 34.63
N GLN C 249 46.97 28.98 33.57
CA GLN C 249 47.66 29.03 32.29
C GLN C 249 47.57 30.43 31.67
N GLY C 250 46.36 30.96 31.55
CA GLY C 250 46.18 32.34 31.12
C GLY C 250 46.44 32.61 29.67
N GLU C 251 45.60 32.06 28.80
CA GLU C 251 45.67 32.30 27.37
C GLU C 251 45.37 33.78 27.05
N ARG C 252 45.77 34.20 25.85
CA ARG C 252 45.83 35.60 25.42
C ARG C 252 44.47 36.31 25.49
N ARG C 253 44.52 37.64 25.34
CA ARG C 253 43.36 38.50 25.61
C ARG C 253 43.55 39.81 24.88
N ALA C 254 42.46 40.31 24.28
CA ALA C 254 42.48 41.58 23.57
C ALA C 254 41.94 42.71 24.44
N PHE C 255 42.33 43.93 24.09
CA PHE C 255 42.11 45.12 24.91
C PHE C 255 41.59 46.28 24.08
N LEU C 256 40.55 46.04 23.29
CA LEU C 256 39.98 47.12 22.50
C LEU C 256 39.15 48.06 23.37
N ASP C 257 39.39 49.35 23.22
CA ASP C 257 38.54 50.40 23.75
C ASP C 257 38.11 51.32 22.60
N LYS C 258 36.83 51.68 22.59
CA LYS C 258 36.38 52.70 21.67
C LYS C 258 36.92 54.06 22.03
N GLY C 259 37.12 54.31 23.33
CA GLY C 259 37.54 55.59 23.82
C GLY C 259 36.83 55.90 25.12
N THR C 260 35.86 55.06 25.47
CA THR C 260 35.01 55.32 26.62
C THR C 260 34.91 54.07 27.50
N TYR C 261 35.09 52.90 26.92
CA TYR C 261 34.80 51.65 27.61
C TYR C 261 35.66 50.55 27.01
N THR C 262 36.37 49.81 27.85
CA THR C 262 37.36 48.85 27.38
C THR C 262 36.83 47.44 27.51
N LEU C 263 36.68 46.75 26.38
CA LEU C 263 36.19 45.38 26.38
C LEU C 263 37.37 44.41 26.39
N SER C 264 37.22 43.30 27.12
CA SER C 264 38.36 42.48 27.50
C SER C 264 38.07 40.98 27.37
N TRP C 265 37.56 40.54 26.22
CA TRP C 265 37.31 39.11 26.07
C TRP C 265 38.59 38.37 25.73
N LYS C 266 38.50 37.04 25.62
CA LYS C 266 39.61 36.19 25.23
C LYS C 266 39.32 35.50 23.90
N LEU C 267 40.31 35.49 23.02
CA LEU C 267 40.12 35.04 21.65
C LEU C 267 40.36 33.54 21.53
N GLU C 268 39.85 32.97 20.43
CA GLU C 268 40.02 31.56 20.14
C GLU C 268 40.20 31.39 18.64
N ASN C 269 40.70 30.20 18.25
CA ASN C 269 40.72 29.84 16.85
C ASN C 269 39.31 29.61 16.35
N ARG C 270 39.13 29.73 15.03
CA ARG C 270 37.79 29.68 14.45
C ARG C 270 37.37 28.24 14.12
N THR C 271 37.55 27.34 15.08
CA THR C 271 36.82 26.08 15.11
C THR C 271 36.30 25.98 16.53
N ALA C 272 35.24 26.72 16.81
CA ALA C 272 34.51 26.57 18.06
C ALA C 272 33.03 26.77 17.82
N TYR C 273 32.60 26.81 16.57
CA TYR C 273 31.21 27.03 16.21
C TYR C 273 30.94 26.06 15.07
N CYS C 274 30.51 24.90 15.41
CA CYS C 274 30.11 24.00 14.35
C CYS C 274 28.71 24.37 13.88
N PRO C 275 28.48 24.43 12.60
CA PRO C 275 27.14 24.77 12.11
C PRO C 275 26.18 23.59 12.10
N LEU C 276 26.49 22.52 12.81
CA LEU C 276 25.62 21.37 12.86
C LEU C 276 25.36 21.02 14.31
N GLN C 277 24.24 20.36 14.58
CA GLN C 277 23.87 19.98 15.93
C GLN C 277 23.26 18.59 15.94
N HIS C 278 23.16 18.02 17.13
CA HIS C 278 22.80 16.63 17.35
C HIS C 278 21.29 16.43 17.27
N TRP C 279 20.89 15.15 17.29
CA TRP C 279 19.50 14.73 17.22
C TRP C 279 19.46 13.30 17.73
N GLN C 280 18.25 12.77 17.90
CA GLN C 280 18.02 11.38 18.25
C GLN C 280 18.70 10.43 17.27
N THR C 281 19.54 9.56 17.82
CA THR C 281 20.26 8.56 17.04
C THR C 281 19.55 7.24 17.19
N PHE C 282 19.15 6.64 16.09
CA PHE C 282 18.36 5.43 16.18
C PHE C 282 19.29 4.23 16.30
N ASP C 283 18.73 3.03 16.39
CA ASP C 283 19.57 1.88 16.65
C ASP C 283 19.27 0.75 15.70
N SER C 284 18.03 0.61 15.26
CA SER C 284 17.61 -0.62 14.61
C SER C 284 16.96 -0.34 13.27
N THR C 285 17.60 0.49 12.45
CA THR C 285 17.03 0.80 11.15
C THR C 285 17.23 -0.35 10.18
N ILE C 286 16.69 -0.17 8.98
CA ILE C 286 16.81 -1.13 7.89
C ILE C 286 16.62 -0.37 6.59
N ALA C 287 17.53 -0.55 5.65
CA ALA C 287 17.55 0.24 4.43
C ALA C 287 16.95 -0.53 3.27
N THR C 288 16.66 0.18 2.19
CA THR C 288 16.02 -0.42 1.03
C THR C 288 16.32 0.44 -0.18
N GLU C 289 16.92 -0.17 -1.20
CA GLU C 289 17.27 0.54 -2.43
C GLU C 289 16.38 0.01 -3.54
N THR C 290 15.47 0.85 -4.02
CA THR C 290 14.65 0.53 -5.18
C THR C 290 14.65 1.70 -6.15
N GLY C 291 14.87 1.39 -7.42
CA GLY C 291 14.65 2.31 -8.51
C GLY C 291 15.50 3.57 -8.50
N LYS C 292 14.86 4.69 -8.15
CA LYS C 292 15.51 5.99 -8.24
C LYS C 292 16.49 6.20 -7.10
N SER C 293 16.02 6.09 -5.86
CA SER C 293 16.82 6.46 -4.71
C SER C 293 16.59 5.46 -3.59
N ILE C 294 17.06 5.81 -2.40
CA ILE C 294 17.01 4.91 -1.27
C ILE C 294 15.86 5.34 -0.37
N HIS C 295 15.36 4.40 0.44
CA HIS C 295 14.55 4.71 1.61
C HIS C 295 15.20 4.14 2.85
N PHE C 296 15.22 4.92 3.92
CA PHE C 296 15.58 4.42 5.25
C PHE C 296 14.32 4.38 6.09
N VAL C 297 14.17 3.35 6.91
CA VAL C 297 12.97 3.16 7.72
C VAL C 297 13.43 2.76 9.11
N THR C 298 13.08 3.54 10.12
CA THR C 298 13.41 3.17 11.48
C THR C 298 12.21 2.47 12.09
N ASP C 299 12.24 2.23 13.40
CA ASP C 299 11.06 1.67 14.04
C ASP C 299 10.73 2.25 15.41
N GLU C 300 11.62 2.99 16.05
CA GLU C 300 11.31 3.53 17.37
C GLU C 300 10.63 4.89 17.25
N GLY C 301 11.28 5.86 16.64
CA GLY C 301 10.69 7.15 16.39
C GLY C 301 9.79 7.21 15.19
N THR C 302 9.43 6.05 14.63
CA THR C 302 8.57 5.76 13.49
C THR C 302 8.64 6.75 12.33
N SER C 303 9.83 7.21 12.01
CA SER C 303 10.05 8.10 10.89
C SER C 303 10.66 7.32 9.74
N SER C 304 10.86 8.00 8.62
CA SER C 304 11.51 7.38 7.46
C SER C 304 12.01 8.47 6.51
N PHE C 305 13.33 8.59 6.38
CA PHE C 305 13.90 9.63 5.55
C PHE C 305 14.06 9.15 4.11
N VAL C 306 14.37 10.08 3.22
CA VAL C 306 14.51 9.77 1.81
C VAL C 306 15.57 10.70 1.22
N THR C 307 16.42 10.17 0.35
CA THR C 307 17.52 10.93 -0.20
C THR C 307 17.36 11.09 -1.71
N ASN C 308 18.25 11.87 -2.31
CA ASN C 308 18.11 12.35 -3.68
C ASN C 308 18.94 11.53 -4.67
N THR C 309 20.23 11.40 -4.41
CA THR C 309 21.11 10.62 -5.29
C THR C 309 20.95 9.13 -5.02
N THR C 310 21.81 8.34 -5.63
CA THR C 310 21.64 6.90 -5.51
C THR C 310 22.67 6.25 -4.61
N VAL C 311 23.96 6.43 -4.90
CA VAL C 311 24.99 5.82 -4.07
C VAL C 311 25.93 6.95 -3.64
N GLY C 312 25.97 8.01 -4.45
CA GLY C 312 27.02 9.01 -4.43
C GLY C 312 27.24 9.72 -3.12
N ILE C 313 28.34 9.33 -2.48
CA ILE C 313 28.68 9.82 -1.14
C ILE C 313 29.17 11.25 -1.27
N GLU C 314 28.37 12.20 -0.81
CA GLU C 314 28.88 13.55 -0.67
C GLU C 314 29.90 13.58 0.45
N LEU C 315 30.87 14.47 0.32
CA LEU C 315 31.87 14.62 1.36
C LEU C 315 31.84 16.06 1.88
N PRO C 316 32.08 16.27 3.17
CA PRO C 316 31.96 17.63 3.71
C PRO C 316 33.12 18.50 3.29
N ASP C 317 32.92 19.80 3.38
CA ASP C 317 33.91 20.78 2.98
C ASP C 317 34.33 21.69 4.11
N ALA C 318 33.37 22.28 4.82
CA ALA C 318 33.64 23.14 5.96
C ALA C 318 32.95 22.63 7.21
N PHE C 319 32.52 21.36 7.20
CA PHE C 319 31.92 20.73 8.37
C PHE C 319 32.95 19.95 9.17
N LYS C 320 34.19 20.44 9.19
CA LYS C 320 35.31 19.64 9.66
C LYS C 320 35.30 19.40 11.16
N CYS C 321 34.54 20.20 11.91
CA CYS C 321 34.52 20.03 13.35
C CYS C 321 33.79 18.75 13.75
N ILE C 322 32.75 18.39 13.00
CA ILE C 322 31.86 17.33 13.46
C ILE C 322 32.44 15.93 13.23
N GLU C 323 33.54 15.81 12.50
CA GLU C 323 34.08 14.47 12.23
C GLU C 323 34.70 13.84 13.47
N GLU C 324 35.01 14.61 14.50
CA GLU C 324 35.54 14.02 15.71
C GLU C 324 34.44 13.32 16.50
N GLN C 325 33.27 13.94 16.59
CA GLN C 325 32.17 13.36 17.34
C GLN C 325 31.64 12.11 16.67
N VAL C 326 31.70 12.03 15.34
CA VAL C 326 31.13 10.90 14.64
C VAL C 326 32.16 9.78 14.38
N ASN C 327 33.47 10.09 14.40
CA ASN C 327 34.43 9.00 14.55
C ASN C 327 34.26 8.35 15.92
N LYS C 328 33.91 9.12 16.92
CA LYS C 328 33.43 8.62 18.21
C LYS C 328 31.98 8.17 18.07
N THR C 329 31.51 7.38 19.04
CA THR C 329 30.11 7.05 19.36
C THR C 329 29.40 6.25 18.28
N MET C 330 30.03 6.08 17.13
CA MET C 330 29.67 4.96 16.27
C MET C 330 30.29 3.72 16.85
N HIS C 331 31.27 3.90 17.66
CA HIS C 331 31.73 2.67 18.07
C HIS C 331 30.70 2.14 18.98
N GLU C 332 30.57 2.87 20.02
CA GLU C 332 29.80 2.30 21.11
C GLU C 332 28.59 1.54 20.63
N LYS C 333 27.82 2.14 19.71
CA LYS C 333 26.66 1.45 19.17
C LYS C 333 27.06 0.24 18.34
N TYR C 334 28.27 0.22 17.80
CA TYR C 334 28.79 -1.01 17.22
C TYR C 334 29.09 -2.01 18.31
N GLU C 335 29.41 -1.53 19.50
CA GLU C 335 30.01 -2.42 20.49
C GLU C 335 28.98 -3.33 21.13
N ALA C 336 27.81 -2.82 21.46
CA ALA C 336 26.85 -3.62 22.21
C ALA C 336 26.10 -4.65 21.39
N VAL C 337 26.39 -4.76 20.11
CA VAL C 337 25.75 -5.77 19.28
C VAL C 337 26.82 -6.63 18.64
N GLN C 338 27.91 -6.84 19.39
CA GLN C 338 29.12 -7.44 18.82
C GLN C 338 28.92 -8.90 18.43
N ASP C 339 28.15 -9.64 19.21
CA ASP C 339 27.99 -11.07 18.96
C ASP C 339 26.99 -11.37 17.85
N ARG C 340 26.47 -10.37 17.16
CA ARG C 340 25.48 -10.62 16.12
C ARG C 340 25.95 -10.18 14.75
N TYR C 341 26.79 -9.15 14.66
CA TYR C 341 27.19 -8.60 13.37
C TYR C 341 28.69 -8.35 13.36
N THR C 342 29.22 -8.09 12.18
CA THR C 342 30.59 -7.66 11.97
C THR C 342 30.59 -6.30 11.28
N LYS C 343 31.78 -5.75 11.07
CA LYS C 343 31.87 -4.56 10.25
C LYS C 343 31.67 -4.93 8.78
N GLY C 344 31.29 -3.93 8.00
CA GLY C 344 31.23 -4.08 6.55
C GLY C 344 32.45 -3.48 5.90
N GLN C 345 32.77 -2.25 6.28
CA GLN C 345 33.98 -1.55 5.89
C GLN C 345 34.16 -0.39 6.85
N GLU C 346 35.35 0.20 6.82
CA GLU C 346 35.60 1.34 7.69
C GLU C 346 34.93 2.61 7.20
N ALA C 347 34.55 2.66 5.92
CA ALA C 347 34.14 3.90 5.26
C ALA C 347 32.79 4.36 5.80
N ILE C 348 32.81 5.32 6.71
CA ILE C 348 31.60 6.03 7.09
C ILE C 348 31.17 6.87 5.90
N THR C 349 29.95 6.66 5.44
CA THR C 349 29.42 7.38 4.30
C THR C 349 28.47 8.46 4.75
N TYR C 350 28.29 9.48 3.91
CA TYR C 350 27.38 10.58 4.20
C TYR C 350 26.31 10.67 3.12
N PHE C 351 25.27 11.43 3.40
CA PHE C 351 24.18 11.66 2.46
C PHE C 351 23.61 13.04 2.70
N ILE C 352 22.71 13.47 1.82
CA ILE C 352 21.95 14.70 1.99
C ILE C 352 20.52 14.41 1.53
N THR C 353 19.54 14.73 2.37
CA THR C 353 18.16 14.48 2.03
C THR C 353 17.53 15.71 1.38
N SER C 354 16.22 15.64 1.16
CA SER C 354 15.54 16.69 0.41
C SER C 354 15.34 17.94 1.25
N GLY C 355 14.76 17.78 2.44
CA GLY C 355 14.56 18.92 3.30
C GLY C 355 15.83 19.47 3.91
N GLY C 356 16.87 18.67 3.96
CA GLY C 356 18.16 19.08 4.45
C GLY C 356 18.38 18.60 5.86
N LEU C 357 19.02 17.43 5.95
CA LEU C 357 19.39 16.79 7.20
C LEU C 357 20.47 15.80 6.78
N LEU C 358 21.73 16.06 7.09
CA LEU C 358 22.76 15.15 6.63
C LEU C 358 22.76 13.88 7.48
N LEU C 359 22.86 12.74 6.81
CA LEU C 359 22.84 11.46 7.48
C LEU C 359 24.25 10.89 7.54
N ALA C 360 24.38 9.81 8.29
CA ALA C 360 25.66 9.12 8.43
C ALA C 360 25.36 7.76 8.99
N TRP C 361 25.85 6.70 8.35
CA TRP C 361 25.61 5.37 8.83
C TRP C 361 26.58 4.41 8.17
N LEU C 362 26.79 3.25 8.79
CA LEU C 362 27.68 2.22 8.26
C LEU C 362 26.95 0.89 8.18
N PRO C 363 27.18 0.10 7.13
CA PRO C 363 26.42 -1.13 6.96
C PRO C 363 26.93 -2.23 7.86
N LEU C 364 26.04 -3.16 8.17
CA LEU C 364 26.39 -4.37 8.89
C LEU C 364 26.02 -5.58 8.03
N THR C 365 26.13 -6.76 8.63
CA THR C 365 25.79 -8.03 8.00
C THR C 365 25.61 -9.06 9.10
N PRO C 366 24.77 -10.07 8.90
CA PRO C 366 24.67 -11.15 9.88
C PRO C 366 25.93 -12.01 9.87
N ARG C 367 26.14 -12.71 10.97
CA ARG C 367 27.30 -13.57 11.13
C ARG C 367 26.87 -14.91 11.70
N SER C 368 27.74 -15.89 11.56
CA SER C 368 27.56 -17.20 12.16
C SER C 368 28.28 -17.22 13.51
N LEU C 369 28.45 -18.42 14.07
CA LEU C 369 29.16 -18.56 15.33
C LEU C 369 30.40 -19.42 15.15
N LYS C 427 29.60 27.67 3.70
CA LYS C 427 28.19 27.62 3.35
C LYS C 427 27.40 27.01 4.49
N SER C 428 26.17 26.58 4.18
CA SER C 428 25.29 26.01 5.19
C SER C 428 24.33 25.06 4.50
N LEU C 429 23.33 24.59 5.25
CA LEU C 429 22.31 23.70 4.74
C LEU C 429 21.00 24.42 4.48
N GLY C 430 20.47 25.12 5.48
CA GLY C 430 19.21 25.80 5.34
C GLY C 430 18.04 24.84 5.25
N THR C 431 17.73 24.18 6.36
CA THR C 431 16.61 23.24 6.37
C THR C 431 15.28 23.98 6.39
N LEU C 432 14.21 23.23 6.17
CA LEU C 432 12.87 23.77 6.06
C LEU C 432 12.08 23.39 7.29
N ASN C 433 11.60 24.39 8.02
CA ASN C 433 10.96 24.17 9.31
C ASN C 433 9.60 23.56 9.12
N ASN C 434 9.50 22.25 9.34
CA ASN C 434 8.29 21.50 9.59
C ASN C 434 8.64 20.08 10.02
N PRO C 435 7.85 19.49 10.90
CA PRO C 435 7.74 18.04 10.95
C PRO C 435 6.70 17.60 9.94
N ALA C 436 6.28 16.34 10.02
CA ALA C 436 5.17 15.79 9.22
C ALA C 436 5.50 15.83 7.72
N THR C 437 6.76 15.59 7.41
CA THR C 437 7.16 15.18 6.09
C THR C 437 8.15 14.04 6.16
N VAL C 438 8.84 13.88 7.29
CA VAL C 438 9.52 12.66 7.63
C VAL C 438 8.64 11.73 8.43
N GLN C 439 7.38 12.11 8.61
CA GLN C 439 6.39 11.39 9.39
C GLN C 439 5.34 10.71 8.54
N ILE C 440 4.89 11.38 7.47
CA ILE C 440 3.79 10.85 6.67
C ILE C 440 4.26 9.67 5.88
N GLN C 441 5.55 9.68 5.52
CA GLN C 441 6.12 8.65 4.66
C GLN C 441 6.05 7.28 5.33
N PHE C 442 6.06 7.25 6.66
CA PHE C 442 5.81 6.00 7.37
C PHE C 442 4.40 5.50 7.11
N ALA C 443 3.42 6.40 7.13
CA ALA C 443 2.03 5.99 6.95
C ALA C 443 1.73 5.51 5.56
N TYR C 444 2.55 5.88 4.58
CA TYR C 444 2.40 5.33 3.25
C TYR C 444 3.39 4.21 2.97
N ASP C 445 4.50 4.15 3.69
CA ASP C 445 5.37 3.00 3.46
C ASP C 445 4.92 1.80 4.28
N SER C 446 4.66 2.00 5.56
CA SER C 446 4.30 0.86 6.40
C SER C 446 2.87 0.41 6.21
N LEU C 447 2.11 1.06 5.34
CA LEU C 447 0.89 0.46 4.84
C LEU C 447 1.10 -0.23 3.52
N ARG C 448 2.18 0.06 2.83
CA ARG C 448 2.44 -0.63 1.57
C ARG C 448 2.90 -2.04 1.81
N ARG C 449 3.80 -2.24 2.76
CA ARG C 449 4.38 -3.55 2.99
C ARG C 449 3.35 -4.52 3.57
N GLN C 450 2.38 -4.02 4.33
CA GLN C 450 1.40 -4.93 4.92
C GLN C 450 0.39 -5.39 3.89
N ILE C 451 -0.08 -4.50 3.03
CA ILE C 451 -1.07 -4.89 2.02
C ILE C 451 -0.44 -5.80 0.98
N ASN C 452 0.83 -5.55 0.65
CA ASN C 452 1.47 -6.28 -0.43
C ASN C 452 1.72 -7.73 -0.04
N ARG C 453 2.02 -7.98 1.22
CA ARG C 453 2.17 -9.36 1.66
C ARG C 453 0.83 -10.06 1.77
N MET C 454 -0.22 -9.32 2.12
CA MET C 454 -1.56 -9.90 2.10
C MET C 454 -2.00 -10.22 0.69
N LEU C 455 -1.55 -9.45 -0.29
CA LEU C 455 -1.77 -9.78 -1.67
C LEU C 455 -0.64 -10.64 -2.21
N GLY C 456 0.39 -10.87 -1.40
CA GLY C 456 1.42 -11.83 -1.72
C GLY C 456 0.82 -13.21 -1.82
N ASP C 457 0.31 -13.72 -0.70
CA ASP C 457 -0.59 -14.86 -0.79
C ASP C 457 -1.95 -14.39 -1.30
N LEU C 458 -2.80 -15.37 -1.61
CA LEU C 458 -4.06 -15.30 -2.37
C LEU C 458 -3.78 -15.07 -3.85
N ALA C 459 -2.53 -14.81 -4.20
CA ALA C 459 -2.05 -15.17 -5.52
C ALA C 459 -1.44 -16.55 -5.50
N ARG C 460 -0.99 -16.99 -4.33
CA ARG C 460 -0.55 -18.37 -4.20
C ARG C 460 -1.72 -19.30 -3.99
N ALA C 461 -2.64 -18.94 -3.10
CA ALA C 461 -3.76 -19.82 -2.81
C ALA C 461 -4.73 -19.89 -3.97
N TRP C 462 -4.78 -18.87 -4.81
CA TRP C 462 -5.61 -18.96 -5.99
C TRP C 462 -5.01 -19.90 -7.02
N CYS C 463 -3.68 -19.97 -7.08
CA CYS C 463 -3.05 -20.83 -8.08
C CYS C 463 -3.19 -22.29 -7.70
N LEU C 464 -3.00 -22.61 -6.41
CA LEU C 464 -3.11 -23.99 -5.97
C LEU C 464 -4.53 -24.50 -6.08
N GLU C 465 -5.51 -23.62 -5.98
CA GLU C 465 -6.88 -24.05 -6.16
C GLU C 465 -7.19 -24.36 -7.62
N GLN C 466 -6.54 -23.68 -8.55
CA GLN C 466 -6.88 -23.91 -9.94
C GLN C 466 -6.27 -25.18 -10.50
N LYS C 467 -5.25 -25.73 -9.85
CA LYS C 467 -4.74 -27.02 -10.27
C LYS C 467 -5.77 -28.11 -10.01
N ARG C 468 -6.43 -28.06 -8.85
CA ARG C 468 -7.46 -29.02 -8.55
C ARG C 468 -8.71 -28.83 -9.37
N GLN C 469 -8.97 -27.60 -9.83
CA GLN C 469 -10.12 -27.40 -10.71
C GLN C 469 -9.85 -27.96 -12.09
N ASN C 470 -8.58 -28.06 -12.47
CA ASN C 470 -8.25 -28.58 -13.78
C ASN C 470 -8.52 -30.07 -13.87
N MET C 471 -8.34 -30.79 -12.77
CA MET C 471 -8.48 -32.25 -12.80
C MET C 471 -9.94 -32.66 -12.93
N VAL C 472 -10.84 -31.92 -12.30
CA VAL C 472 -12.28 -32.18 -12.42
C VAL C 472 -12.73 -31.96 -13.86
N LEU C 473 -12.13 -31.00 -14.55
CA LEU C 473 -12.43 -30.78 -15.96
C LEU C 473 -11.91 -31.88 -16.88
N ARG C 474 -11.23 -32.91 -16.37
CA ARG C 474 -10.86 -34.02 -17.21
C ARG C 474 -11.92 -35.12 -17.18
N GLU C 475 -12.35 -35.51 -15.99
CA GLU C 475 -13.24 -36.66 -15.88
C GLU C 475 -14.64 -36.36 -16.36
N LEU C 476 -15.01 -35.09 -16.49
CA LEU C 476 -16.30 -34.78 -17.07
C LEU C 476 -16.32 -35.05 -18.57
N THR C 477 -15.14 -35.01 -19.21
CA THR C 477 -15.09 -35.22 -20.65
C THR C 477 -15.35 -36.67 -21.01
N LYS C 478 -15.02 -37.60 -20.13
CA LYS C 478 -15.26 -39.01 -20.41
C LYS C 478 -16.73 -39.37 -20.34
N ILE C 479 -17.57 -38.54 -19.72
CA ILE C 479 -19.00 -38.79 -19.72
C ILE C 479 -19.63 -38.34 -21.02
N ASN C 480 -19.54 -37.04 -21.32
CA ASN C 480 -20.18 -36.47 -22.49
C ASN C 480 -19.50 -35.16 -22.90
N PRO C 481 -18.50 -35.24 -23.78
CA PRO C 481 -17.61 -34.10 -24.00
C PRO C 481 -18.25 -32.96 -24.78
N THR C 482 -19.38 -33.19 -25.44
CA THR C 482 -19.95 -32.15 -26.28
C THR C 482 -20.56 -31.00 -25.48
N THR C 483 -20.78 -31.19 -24.19
CA THR C 483 -21.31 -30.13 -23.36
C THR C 483 -20.20 -29.29 -22.76
N VAL C 484 -19.24 -29.95 -22.12
CA VAL C 484 -18.26 -29.25 -21.31
C VAL C 484 -17.25 -28.49 -22.15
N MET C 485 -17.06 -28.89 -23.41
CA MET C 485 -16.12 -28.16 -24.26
C MET C 485 -16.69 -26.83 -24.70
N SER C 486 -18.02 -26.67 -24.66
CA SER C 486 -18.64 -25.46 -25.16
C SER C 486 -18.41 -24.28 -24.20
N SER C 487 -18.63 -24.50 -22.92
CA SER C 487 -18.58 -23.42 -21.95
C SER C 487 -17.16 -22.93 -21.72
N ILE C 488 -16.17 -23.81 -21.86
CA ILE C 488 -14.80 -23.38 -21.64
C ILE C 488 -14.30 -22.60 -22.85
N TYR C 489 -14.81 -22.90 -24.05
CA TYR C 489 -14.29 -22.25 -25.24
C TYR C 489 -14.92 -20.87 -25.43
N GLY C 490 -16.24 -20.82 -25.55
CA GLY C 490 -16.92 -19.54 -25.69
C GLY C 490 -18.13 -19.52 -26.61
N LYS C 491 -18.25 -20.50 -27.49
CA LYS C 491 -19.37 -20.56 -28.41
C LYS C 491 -19.81 -22.02 -28.54
N ALA C 492 -20.75 -22.27 -29.44
CA ALA C 492 -21.28 -23.62 -29.64
C ALA C 492 -20.34 -24.38 -30.57
N VAL C 493 -19.67 -25.40 -30.03
CA VAL C 493 -18.70 -26.20 -30.77
C VAL C 493 -19.10 -27.66 -30.62
N ALA C 494 -18.30 -28.58 -31.18
CA ALA C 494 -18.54 -29.99 -31.01
C ALA C 494 -17.22 -30.75 -31.09
N ALA C 495 -17.19 -31.92 -30.44
CA ALA C 495 -16.04 -32.80 -30.45
C ALA C 495 -16.51 -34.23 -30.19
N LYS C 496 -15.63 -35.20 -30.46
CA LYS C 496 -16.11 -36.58 -30.49
C LYS C 496 -15.15 -37.61 -29.91
N ARG C 497 -14.18 -37.20 -29.07
CA ARG C 497 -13.45 -38.07 -28.13
C ARG C 497 -12.70 -39.20 -28.86
N LEU C 498 -11.67 -38.80 -29.60
CA LEU C 498 -10.79 -39.78 -30.22
C LEU C 498 -9.56 -39.93 -29.33
N GLY C 499 -9.39 -41.14 -28.77
CA GLY C 499 -8.21 -41.49 -28.00
C GLY C 499 -8.03 -40.74 -26.70
N ASP C 500 -7.00 -39.91 -26.64
CA ASP C 500 -6.68 -39.15 -25.44
C ASP C 500 -6.51 -37.67 -25.74
N VAL C 501 -7.06 -37.21 -26.86
CA VAL C 501 -7.15 -35.81 -27.19
C VAL C 501 -8.58 -35.51 -27.60
N ILE C 502 -8.86 -34.23 -27.81
CA ILE C 502 -10.20 -33.76 -28.11
C ILE C 502 -10.23 -33.36 -29.58
N SER C 503 -11.43 -33.39 -30.15
CA SER C 503 -11.63 -33.40 -31.60
C SER C 503 -12.53 -32.27 -32.06
N VAL C 504 -12.14 -31.04 -31.71
CA VAL C 504 -12.89 -29.82 -31.99
C VAL C 504 -13.27 -29.70 -33.47
N SER C 505 -14.48 -29.23 -33.72
CA SER C 505 -15.06 -29.19 -35.06
C SER C 505 -15.80 -27.87 -35.22
N GLN C 506 -16.65 -27.78 -36.24
CA GLN C 506 -17.46 -26.58 -36.44
C GLN C 506 -18.83 -26.98 -36.96
N CYS C 507 -19.88 -26.42 -36.37
CA CYS C 507 -21.25 -26.75 -36.71
C CYS C 507 -21.79 -25.83 -37.79
N VAL C 508 -22.84 -26.29 -38.45
CA VAL C 508 -23.50 -25.56 -39.53
C VAL C 508 -24.85 -25.03 -39.01
N PRO C 509 -25.16 -23.75 -39.22
CA PRO C 509 -26.44 -23.22 -38.76
C PRO C 509 -27.59 -23.71 -39.63
N VAL C 510 -28.80 -23.56 -39.08
CA VAL C 510 -30.05 -23.95 -39.72
C VAL C 510 -30.95 -22.73 -39.68
N ASN C 511 -31.79 -22.56 -40.70
CA ASN C 511 -32.68 -21.42 -40.80
C ASN C 511 -33.66 -21.36 -39.64
N GLN C 512 -33.97 -20.14 -39.20
CA GLN C 512 -34.87 -19.90 -38.09
C GLN C 512 -36.34 -19.92 -38.50
N ALA C 513 -36.62 -20.26 -39.76
CA ALA C 513 -37.96 -20.06 -40.29
C ALA C 513 -38.94 -21.07 -39.72
N THR C 514 -38.75 -22.34 -40.02
CA THR C 514 -39.72 -23.37 -39.70
C THR C 514 -39.08 -24.44 -38.83
N VAL C 515 -39.57 -24.57 -37.60
CA VAL C 515 -39.28 -25.72 -36.76
C VAL C 515 -40.60 -26.40 -36.43
N THR C 516 -40.54 -27.72 -36.31
CA THR C 516 -41.71 -28.53 -36.01
C THR C 516 -41.47 -29.31 -34.73
N LEU C 517 -42.52 -29.94 -34.23
CA LEU C 517 -42.41 -30.91 -33.15
C LEU C 517 -43.44 -32.00 -33.38
N ARG C 518 -43.15 -33.19 -32.85
CA ARG C 518 -44.07 -34.32 -32.98
C ARG C 518 -45.07 -34.32 -31.84
N LYS C 519 -46.33 -34.58 -32.18
CA LYS C 519 -47.39 -34.54 -31.18
C LYS C 519 -47.48 -35.81 -30.36
N SER C 520 -46.69 -36.83 -30.65
CA SER C 520 -46.77 -38.08 -29.92
C SER C 520 -45.40 -38.69 -29.74
N MET C 521 -45.07 -39.06 -28.51
CA MET C 521 -43.82 -39.74 -28.22
C MET C 521 -43.90 -41.24 -28.46
N ARG C 522 -45.05 -41.75 -28.88
CA ARG C 522 -45.18 -43.18 -29.13
C ARG C 522 -44.50 -43.56 -30.44
N VAL C 523 -43.82 -44.69 -30.43
CA VAL C 523 -43.21 -45.23 -31.64
C VAL C 523 -44.34 -45.79 -32.51
N PRO C 524 -44.48 -45.35 -33.75
CA PRO C 524 -45.64 -45.73 -34.56
C PRO C 524 -45.46 -47.09 -35.24
N GLY C 525 -45.18 -48.11 -34.44
CA GLY C 525 -45.19 -49.46 -34.96
C GLY C 525 -46.19 -50.38 -34.27
N SER C 526 -46.39 -50.19 -32.97
CA SER C 526 -47.19 -51.09 -32.14
C SER C 526 -47.41 -50.43 -30.79
N GLU C 527 -47.93 -51.19 -29.83
CA GLU C 527 -48.19 -50.70 -28.49
C GLU C 527 -47.01 -50.90 -27.54
N THR C 528 -45.82 -51.18 -28.06
CA THR C 528 -44.61 -51.33 -27.28
C THR C 528 -43.99 -49.99 -26.90
N MET C 529 -42.70 -50.03 -26.54
CA MET C 529 -41.95 -48.92 -25.93
C MET C 529 -41.98 -47.66 -26.79
N CYS C 530 -41.62 -46.55 -26.14
CA CYS C 530 -41.75 -45.22 -26.72
C CYS C 530 -40.40 -44.52 -26.76
N TYR C 531 -40.33 -43.45 -27.56
CA TYR C 531 -39.15 -42.58 -27.54
C TYR C 531 -39.10 -41.82 -26.22
N SER C 532 -37.89 -41.40 -25.85
CA SER C 532 -37.73 -40.60 -24.66
C SER C 532 -37.64 -39.12 -24.94
N ARG C 533 -37.19 -38.75 -26.13
CA ARG C 533 -37.02 -37.34 -26.45
C ARG C 533 -37.87 -36.98 -27.67
N PRO C 534 -38.43 -35.78 -27.70
CA PRO C 534 -39.39 -35.44 -28.77
C PRO C 534 -38.73 -35.16 -30.12
N LEU C 535 -38.59 -36.21 -30.92
CA LEU C 535 -38.05 -36.08 -32.28
C LEU C 535 -38.84 -35.08 -33.12
N VAL C 536 -38.13 -34.33 -33.94
CA VAL C 536 -38.69 -33.20 -34.67
C VAL C 536 -38.35 -33.33 -36.15
N SER C 537 -38.78 -32.34 -36.92
CA SER C 537 -38.48 -32.27 -38.35
C SER C 537 -38.09 -30.85 -38.71
N PHE C 538 -37.32 -30.71 -39.78
CA PHE C 538 -36.62 -29.47 -40.07
C PHE C 538 -36.20 -29.45 -41.53
N SER C 539 -35.54 -28.36 -41.92
CA SER C 539 -35.10 -28.18 -43.28
C SER C 539 -33.86 -27.29 -43.30
N PHE C 540 -33.08 -27.41 -44.37
CA PHE C 540 -31.81 -26.70 -44.49
C PHE C 540 -32.03 -25.25 -44.89
N ILE C 541 -30.96 -24.58 -45.29
CA ILE C 541 -31.02 -23.19 -45.75
C ILE C 541 -30.96 -23.16 -47.28
N ASN C 542 -31.79 -22.30 -47.86
CA ASN C 542 -31.79 -21.89 -49.28
C ASN C 542 -31.99 -23.04 -50.28
N ASP C 543 -32.30 -24.24 -49.82
CA ASP C 543 -32.49 -25.37 -50.71
C ASP C 543 -33.86 -26.01 -50.61
N THR C 544 -34.52 -25.89 -49.46
CA THR C 544 -35.84 -26.46 -49.14
C THR C 544 -35.90 -27.95 -49.45
N LYS C 545 -35.08 -28.70 -48.73
CA LYS C 545 -35.20 -30.16 -48.68
C LYS C 545 -35.31 -30.55 -47.21
N THR C 546 -36.45 -31.13 -46.84
CA THR C 546 -36.82 -31.31 -45.45
C THR C 546 -36.40 -32.68 -44.93
N TYR C 547 -35.89 -32.69 -43.70
CA TYR C 547 -35.49 -33.91 -43.02
C TYR C 547 -36.11 -33.94 -41.64
N GLU C 548 -35.79 -34.97 -40.88
CA GLU C 548 -36.29 -35.12 -39.52
C GLU C 548 -35.23 -35.79 -38.67
N GLY C 549 -35.23 -35.45 -37.39
CA GLY C 549 -34.26 -35.98 -36.47
C GLY C 549 -34.75 -35.89 -35.05
N GLN C 550 -33.81 -35.93 -34.12
CA GLN C 550 -34.12 -35.96 -32.71
C GLN C 550 -33.51 -34.76 -32.00
N LEU C 551 -34.35 -34.04 -31.26
CA LEU C 551 -33.89 -32.88 -30.49
C LEU C 551 -33.23 -33.34 -29.21
N GLY C 552 -31.98 -32.91 -29.02
CA GLY C 552 -31.26 -33.17 -27.79
C GLY C 552 -31.28 -31.98 -26.85
N THR C 553 -30.43 -32.04 -25.85
CA THR C 553 -30.38 -30.99 -24.86
C THR C 553 -29.72 -29.73 -25.42
N ASP C 554 -30.06 -28.60 -24.80
CA ASP C 554 -29.48 -27.28 -25.06
C ASP C 554 -29.65 -26.87 -26.53
N ASN C 555 -30.84 -27.14 -27.07
CA ASN C 555 -31.27 -26.92 -28.47
C ASN C 555 -30.17 -27.27 -29.48
N GLU C 556 -29.65 -28.48 -29.34
CA GLU C 556 -28.76 -29.07 -30.33
C GLU C 556 -29.42 -30.33 -30.84
N ILE C 557 -29.38 -30.54 -32.15
CA ILE C 557 -30.05 -31.67 -32.77
C ILE C 557 -29.04 -32.49 -33.57
N PHE C 558 -28.98 -33.79 -33.28
CA PHE C 558 -28.25 -34.73 -34.10
C PHE C 558 -29.23 -35.72 -34.72
N LEU C 559 -28.93 -36.13 -35.94
CA LEU C 559 -29.85 -36.92 -36.75
C LEU C 559 -29.49 -38.40 -36.69
N THR C 560 -30.18 -39.19 -37.53
CA THR C 560 -29.96 -40.62 -37.85
C THR C 560 -29.68 -41.52 -36.64
N LYS C 561 -30.27 -41.19 -35.49
CA LYS C 561 -30.12 -42.04 -34.32
C LYS C 561 -31.32 -41.83 -33.40
N LYS C 562 -31.77 -42.91 -32.78
CA LYS C 562 -32.87 -42.87 -31.84
C LYS C 562 -32.38 -43.32 -30.47
N MET C 563 -33.26 -43.13 -29.49
CA MET C 563 -33.06 -43.67 -28.15
C MET C 563 -34.43 -43.84 -27.53
N THR C 564 -34.59 -44.84 -26.69
CA THR C 564 -35.91 -45.20 -26.17
C THR C 564 -35.79 -45.73 -24.76
N GLU C 565 -36.94 -45.97 -24.15
CA GLU C 565 -37.03 -46.66 -22.88
C GLU C 565 -38.40 -47.32 -22.81
N VAL C 566 -38.57 -48.18 -21.82
CA VAL C 566 -39.76 -49.01 -21.69
C VAL C 566 -40.91 -48.15 -21.20
N CYS C 567 -42.04 -48.23 -21.90
CA CYS C 567 -43.25 -47.52 -21.49
C CYS C 567 -43.78 -48.09 -20.18
N GLN C 568 -44.40 -47.23 -19.38
CA GLN C 568 -44.91 -47.61 -18.07
C GLN C 568 -46.13 -46.74 -17.77
N ALA C 569 -46.53 -46.69 -16.50
CA ALA C 569 -47.70 -45.92 -16.08
C ALA C 569 -47.43 -44.42 -16.18
N THR C 570 -48.44 -43.64 -15.77
CA THR C 570 -48.46 -42.21 -16.04
C THR C 570 -47.46 -41.46 -15.17
N SER C 571 -46.54 -40.75 -15.82
CA SER C 571 -45.55 -39.92 -15.12
C SER C 571 -45.09 -38.85 -16.10
N GLN C 572 -45.51 -37.61 -15.87
CA GLN C 572 -45.19 -36.55 -16.80
C GLN C 572 -43.76 -36.06 -16.59
N TYR C 573 -43.25 -35.35 -17.59
CA TYR C 573 -41.92 -34.75 -17.54
C TYR C 573 -41.84 -33.67 -18.60
N TYR C 574 -40.91 -32.75 -18.42
CA TYR C 574 -40.90 -31.53 -19.21
C TYR C 574 -39.75 -31.56 -20.20
N PHE C 575 -39.71 -30.57 -21.08
CA PHE C 575 -38.59 -30.33 -21.99
C PHE C 575 -38.44 -28.84 -22.16
N GLN C 576 -37.35 -28.43 -22.81
CA GLN C 576 -37.04 -27.00 -22.91
C GLN C 576 -36.43 -26.73 -24.27
N SER C 577 -37.24 -26.18 -25.18
CA SER C 577 -36.78 -25.70 -26.48
C SER C 577 -36.37 -24.23 -26.34
N GLY C 578 -36.24 -23.53 -27.46
CA GLY C 578 -35.94 -22.11 -27.46
C GLY C 578 -36.99 -21.22 -26.83
N ASN C 579 -36.61 -20.58 -25.73
CA ASN C 579 -37.34 -19.53 -25.02
C ASN C 579 -38.67 -19.95 -24.43
N GLU C 580 -38.92 -21.26 -24.32
CA GLU C 580 -40.19 -21.74 -23.77
C GLU C 580 -39.98 -23.15 -23.24
N ILE C 581 -40.91 -23.59 -22.40
CA ILE C 581 -41.02 -24.99 -22.03
C ILE C 581 -42.42 -25.44 -22.38
N HIS C 582 -42.58 -26.75 -22.54
CA HIS C 582 -43.90 -27.29 -22.80
C HIS C 582 -43.96 -28.73 -22.34
N VAL C 583 -45.08 -29.08 -21.74
CA VAL C 583 -45.23 -30.26 -20.90
C VAL C 583 -45.89 -31.36 -21.71
N TYR C 584 -45.45 -32.60 -21.53
CA TYR C 584 -46.18 -33.76 -22.01
C TYR C 584 -46.80 -34.46 -20.81
N ASN C 585 -48.12 -34.61 -20.82
CA ASN C 585 -48.81 -35.33 -19.75
C ASN C 585 -48.40 -36.79 -19.74
N ASP C 586 -48.77 -37.54 -20.76
CA ASP C 586 -48.09 -38.80 -21.02
C ASP C 586 -47.50 -38.85 -22.43
N TYR C 587 -48.29 -38.65 -23.47
CA TYR C 587 -47.80 -38.73 -24.84
C TYR C 587 -48.48 -37.69 -25.73
N HIS C 588 -48.74 -36.51 -25.19
CA HIS C 588 -49.40 -35.47 -25.97
C HIS C 588 -48.85 -34.14 -25.47
N HIS C 589 -48.90 -33.14 -26.36
CA HIS C 589 -48.56 -31.77 -25.99
C HIS C 589 -49.74 -31.25 -25.19
N PHE C 590 -49.71 -31.52 -23.89
CA PHE C 590 -50.88 -31.29 -23.05
C PHE C 590 -51.03 -29.81 -22.71
N LYS C 591 -49.92 -29.12 -22.52
CA LYS C 591 -49.95 -27.73 -22.15
C LYS C 591 -48.73 -27.07 -22.76
N THR C 592 -48.73 -25.74 -22.76
CA THR C 592 -47.55 -24.98 -23.10
C THR C 592 -47.47 -23.81 -22.12
N ILE C 593 -46.39 -23.78 -21.35
CA ILE C 593 -46.31 -22.86 -20.22
C ILE C 593 -45.98 -21.45 -20.70
N GLU C 594 -44.97 -21.34 -21.55
CA GLU C 594 -44.53 -20.10 -22.22
C GLU C 594 -44.09 -19.02 -21.25
N LEU C 595 -43.84 -19.35 -20.00
CA LEU C 595 -43.28 -18.39 -19.05
C LEU C 595 -42.01 -18.98 -18.49
N ASP C 596 -40.92 -18.26 -18.65
CA ASP C 596 -39.67 -18.59 -17.96
C ASP C 596 -39.58 -17.77 -16.67
N GLY C 597 -40.61 -17.93 -15.85
CA GLY C 597 -40.70 -17.30 -14.56
C GLY C 597 -40.92 -18.34 -13.48
N ILE C 598 -40.74 -19.62 -13.84
CA ILE C 598 -40.60 -20.66 -12.84
C ILE C 598 -39.36 -20.38 -12.03
N ALA C 599 -39.43 -20.67 -10.72
CA ALA C 599 -38.37 -20.29 -9.80
C ALA C 599 -37.09 -21.06 -10.08
N THR C 600 -35.98 -20.32 -10.20
CA THR C 600 -34.68 -20.92 -10.42
C THR C 600 -34.11 -21.41 -9.09
N LEU C 601 -32.87 -21.88 -9.13
CA LEU C 601 -32.27 -22.42 -7.91
C LEU C 601 -31.38 -21.43 -7.20
N GLN C 602 -30.86 -20.44 -7.93
CA GLN C 602 -30.11 -19.29 -7.39
C GLN C 602 -28.87 -19.74 -6.61
N THR C 603 -27.94 -20.32 -7.37
CA THR C 603 -26.65 -20.75 -6.83
C THR C 603 -25.57 -19.74 -7.21
N PHE C 604 -25.31 -18.79 -6.32
CA PHE C 604 -24.33 -17.76 -6.58
C PHE C 604 -23.87 -17.21 -5.24
N ILE C 605 -22.65 -17.52 -4.84
CA ILE C 605 -22.11 -17.06 -3.57
C ILE C 605 -21.72 -15.60 -3.73
N SER C 606 -22.48 -14.71 -3.11
CA SER C 606 -22.34 -13.28 -3.34
C SER C 606 -21.14 -12.75 -2.56
N LEU C 607 -20.07 -12.44 -3.27
CA LEU C 607 -18.91 -11.78 -2.69
C LEU C 607 -19.27 -10.32 -2.56
N ASN C 608 -19.91 -9.97 -1.44
CA ASN C 608 -20.72 -8.77 -1.32
C ASN C 608 -20.03 -7.64 -0.56
N THR C 609 -18.74 -7.45 -0.79
CA THR C 609 -17.89 -6.78 0.19
C THR C 609 -18.20 -5.32 0.51
N SER C 610 -17.78 -4.41 -0.36
CA SER C 610 -17.72 -2.99 -0.02
C SER C 610 -17.20 -2.12 -1.14
N LEU C 611 -17.13 -0.82 -0.86
CA LEU C 611 -16.19 0.08 -1.52
C LEU C 611 -15.42 0.74 -0.39
N ILE C 612 -14.66 1.79 -0.68
CA ILE C 612 -14.04 2.59 0.37
C ILE C 612 -14.51 4.02 0.18
N GLU C 613 -15.30 4.52 1.13
CA GLU C 613 -15.87 5.84 1.00
C GLU C 613 -14.82 6.91 1.31
N ASN C 614 -15.10 8.13 0.85
CA ASN C 614 -14.11 9.19 0.80
C ASN C 614 -14.48 10.30 1.76
N ILE C 615 -14.01 10.20 2.99
CA ILE C 615 -14.20 11.29 3.93
C ILE C 615 -13.22 12.40 3.61
N ASP C 616 -13.61 13.63 3.89
CA ASP C 616 -12.72 14.76 3.73
C ASP C 616 -12.21 15.23 5.09
N PHE C 617 -11.15 16.02 5.05
CA PHE C 617 -10.44 16.39 6.26
C PHE C 617 -10.72 17.84 6.58
N ALA C 618 -10.82 18.16 7.85
CA ALA C 618 -11.02 19.54 8.26
C ALA C 618 -9.66 20.23 8.34
N SER C 619 -9.64 21.45 8.86
CA SER C 619 -8.39 22.20 9.00
C SER C 619 -8.38 22.85 10.37
N LEU C 620 -7.80 22.16 11.35
CA LEU C 620 -7.70 22.65 12.71
C LEU C 620 -6.30 23.17 12.95
N GLU C 621 -6.13 23.86 14.07
CA GLU C 621 -4.91 24.61 14.28
C GLU C 621 -4.73 24.85 15.78
N LEU C 622 -3.50 24.69 16.26
CA LEU C 622 -3.25 24.67 17.69
C LEU C 622 -2.86 26.03 18.26
N TYR C 623 -2.27 26.92 17.46
CA TYR C 623 -1.74 28.15 18.03
C TYR C 623 -1.79 29.24 16.96
N SER C 624 -2.80 30.11 17.05
CA SER C 624 -3.15 31.00 15.95
C SER C 624 -2.07 32.04 15.66
N ARG C 625 -2.20 32.67 14.49
CA ARG C 625 -1.25 33.67 14.06
C ARG C 625 -1.34 34.93 14.92
N ASP C 626 -2.56 35.27 15.35
CA ASP C 626 -2.73 36.43 16.22
C ASP C 626 -2.17 36.14 17.61
N GLU C 627 -2.34 34.91 18.09
CA GLU C 627 -2.01 34.60 19.47
C GLU C 627 -0.51 34.59 19.70
N GLN C 628 0.27 34.31 18.65
CA GLN C 628 1.71 34.29 18.79
C GLN C 628 2.26 35.69 18.98
N ARG C 629 1.57 36.71 18.45
CA ARG C 629 2.08 38.07 18.54
C ARG C 629 1.92 38.65 19.93
N ALA C 630 0.92 38.19 20.67
CA ALA C 630 0.73 38.67 22.03
C ALA C 630 1.50 37.87 23.06
N SER C 631 2.35 36.95 22.62
CA SER C 631 3.06 36.10 23.56
C SER C 631 4.17 36.84 24.26
N ASN C 632 4.73 37.86 23.64
CA ASN C 632 5.82 38.60 24.25
C ASN C 632 5.29 39.49 25.36
N VAL C 633 6.06 39.62 26.43
CA VAL C 633 5.60 40.42 27.55
C VAL C 633 5.71 41.91 27.24
N PHE C 634 6.68 42.30 26.42
CA PHE C 634 6.82 43.70 26.10
C PHE C 634 5.94 44.04 24.92
N ASP C 635 5.55 45.31 24.84
CA ASP C 635 4.83 45.83 23.68
C ASP C 635 5.85 46.73 22.98
N LEU C 636 6.53 46.18 21.99
CA LEU C 636 7.49 46.96 21.24
C LEU C 636 6.78 48.02 20.42
N GLU C 637 5.63 47.70 19.85
CA GLU C 637 4.87 48.66 19.07
C GLU C 637 3.96 49.51 19.92
N GLY C 638 4.18 49.57 21.22
CA GLY C 638 3.40 50.46 22.06
C GLY C 638 4.27 51.54 22.67
N ILE C 639 5.54 51.22 22.87
CA ILE C 639 6.44 52.14 23.56
C ILE C 639 6.83 53.31 22.65
N PHE C 640 7.27 52.99 21.43
CA PHE C 640 7.86 54.01 20.57
C PHE C 640 6.82 54.99 20.06
N ARG C 641 5.63 54.50 19.71
CA ARG C 641 4.59 55.40 19.24
C ARG C 641 3.92 56.15 20.36
N GLU C 642 4.27 55.88 21.61
CA GLU C 642 3.87 56.73 22.72
C GLU C 642 4.97 57.68 23.16
N TYR C 643 6.23 57.33 22.93
CA TYR C 643 7.33 58.18 23.37
C TYR C 643 7.43 59.45 22.55
N ASN C 644 7.08 59.39 21.28
CA ASN C 644 7.16 60.57 20.44
C ASN C 644 5.85 61.35 20.40
N PHE C 645 5.02 61.22 21.42
CA PHE C 645 3.80 61.99 21.52
C PHE C 645 3.84 63.04 22.62
N GLN C 646 4.50 62.76 23.73
CA GLN C 646 4.74 63.76 24.75
C GLN C 646 6.10 64.42 24.59
N ALA C 647 6.87 64.03 23.57
CA ALA C 647 8.17 64.64 23.31
C ALA C 647 8.16 65.52 22.07
N GLN C 648 6.99 65.81 21.52
CA GLN C 648 6.86 66.83 20.49
C GLN C 648 6.51 68.19 21.08
N ASN C 649 6.74 68.36 22.37
CA ASN C 649 6.42 69.60 23.07
C ASN C 649 7.65 70.48 23.31
N ILE C 650 8.79 70.13 22.72
CA ILE C 650 9.94 71.03 22.73
C ILE C 650 9.61 72.28 21.93
N ALA C 651 8.93 72.11 20.80
CA ALA C 651 8.34 73.24 20.07
C ALA C 651 7.11 73.70 20.85
N GLY C 652 7.36 74.50 21.89
CA GLY C 652 6.25 75.00 22.68
C GLY C 652 5.48 76.09 21.97
N LEU C 653 6.19 77.05 21.38
CA LEU C 653 5.57 78.12 20.63
C LEU C 653 6.58 78.69 19.62
N ALA D 1 -42.39 -19.08 -44.36
CA ALA D 1 -43.49 -19.97 -44.06
C ALA D 1 -43.97 -20.68 -45.32
N LEU D 2 -44.84 -21.67 -45.15
CA LEU D 2 -45.39 -22.37 -46.28
C LEU D 2 -46.53 -21.55 -46.90
N VAL D 3 -46.71 -21.68 -48.21
CA VAL D 3 -47.72 -20.93 -48.95
C VAL D 3 -48.48 -21.91 -49.83
N MET D 4 -49.80 -21.84 -49.79
CA MET D 4 -50.64 -22.74 -50.56
C MET D 4 -51.05 -22.13 -51.89
N THR D 5 -51.02 -22.95 -52.94
CA THR D 5 -51.42 -22.56 -54.29
C THR D 5 -52.31 -23.63 -54.90
N GLN D 6 -52.86 -23.31 -56.07
CA GLN D 6 -53.95 -24.08 -56.65
C GLN D 6 -54.11 -23.69 -58.11
N THR D 7 -54.49 -24.68 -58.95
CA THR D 7 -54.83 -24.48 -60.35
C THR D 7 -56.04 -23.54 -60.51
N PRO D 8 -56.26 -22.99 -61.70
CA PRO D 8 -57.49 -22.23 -61.95
C PRO D 8 -58.75 -23.04 -61.73
N SER D 9 -59.70 -22.41 -61.02
CA SER D 9 -60.89 -23.08 -60.51
C SER D 9 -62.01 -23.20 -61.53
N SER D 10 -61.85 -22.63 -62.71
CA SER D 10 -62.91 -22.65 -63.71
C SER D 10 -62.96 -24.01 -64.39
N VAL D 11 -64.05 -24.75 -64.18
CA VAL D 11 -64.27 -26.04 -64.81
C VAL D 11 -65.73 -26.10 -65.24
N SER D 12 -65.97 -26.65 -66.44
CA SER D 12 -67.31 -26.69 -67.03
C SER D 12 -67.51 -28.08 -67.64
N GLU D 13 -68.04 -29.01 -66.85
CA GLU D 13 -68.24 -30.38 -67.28
C GLU D 13 -69.62 -30.88 -66.88
N PRO D 14 -70.31 -31.60 -67.77
CA PRO D 14 -71.68 -32.06 -67.47
C PRO D 14 -71.73 -33.34 -66.68
N VAL D 15 -72.93 -33.91 -66.54
CA VAL D 15 -73.05 -35.28 -66.04
C VAL D 15 -72.36 -36.22 -67.02
N GLY D 16 -71.73 -37.27 -66.48
CA GLY D 16 -70.79 -38.02 -67.27
C GLY D 16 -69.47 -37.32 -67.48
N GLY D 17 -69.22 -36.23 -66.76
CA GLY D 17 -67.95 -35.54 -66.81
C GLY D 17 -67.20 -35.72 -65.50
N THR D 18 -65.96 -35.22 -65.48
CA THR D 18 -65.07 -35.51 -64.36
C THR D 18 -64.41 -34.26 -63.82
N VAL D 19 -63.52 -34.43 -62.86
CA VAL D 19 -62.76 -33.34 -62.25
C VAL D 19 -61.27 -33.64 -62.38
N THR D 20 -60.50 -32.63 -62.80
CA THR D 20 -59.03 -32.71 -62.89
C THR D 20 -58.49 -31.49 -62.14
N ILE D 21 -58.35 -31.61 -60.82
CA ILE D 21 -57.99 -30.48 -59.96
C ILE D 21 -56.99 -30.96 -58.92
N LYS D 22 -55.88 -30.23 -58.78
CA LYS D 22 -54.88 -30.50 -57.76
C LYS D 22 -54.44 -29.20 -57.11
N CYS D 23 -53.86 -29.31 -55.92
CA CYS D 23 -53.21 -28.18 -55.26
C CYS D 23 -51.76 -28.51 -54.98
N GLN D 24 -50.93 -27.49 -55.02
CA GLN D 24 -49.48 -27.63 -54.96
C GLN D 24 -48.95 -26.98 -53.70
N ALA D 25 -47.81 -27.49 -53.21
CA ALA D 25 -47.14 -26.98 -52.03
C ALA D 25 -45.75 -26.51 -52.39
N SER D 26 -45.34 -25.38 -51.79
CA SER D 26 -44.02 -24.84 -52.07
C SER D 26 -42.93 -25.63 -51.36
N GLN D 27 -42.96 -25.64 -50.03
CA GLN D 27 -42.01 -26.41 -49.24
C GLN D 27 -42.62 -27.77 -48.92
N SER D 28 -41.79 -28.81 -48.95
CA SER D 28 -42.30 -30.18 -48.89
C SER D 28 -42.78 -30.51 -47.48
N ILE D 29 -44.08 -30.67 -47.32
CA ILE D 29 -44.65 -31.17 -46.08
C ILE D 29 -44.72 -32.69 -46.09
N SER D 30 -44.29 -33.33 -47.19
CA SER D 30 -44.39 -34.76 -47.45
C SER D 30 -45.83 -35.26 -47.38
N SER D 31 -46.77 -34.38 -47.76
CA SER D 31 -48.12 -34.73 -48.20
C SER D 31 -48.93 -35.45 -47.11
N TYR D 32 -49.23 -34.69 -46.06
CA TYR D 32 -50.16 -35.13 -45.02
C TYR D 32 -51.27 -34.10 -44.92
N LEU D 33 -52.37 -34.36 -45.63
CA LEU D 33 -53.45 -33.38 -45.79
C LEU D 33 -54.71 -34.11 -46.26
N ALA D 34 -55.75 -33.33 -46.55
CA ALA D 34 -57.01 -33.86 -47.05
C ALA D 34 -57.65 -32.79 -47.94
N TRP D 35 -58.94 -32.98 -48.23
CA TRP D 35 -59.69 -32.04 -49.04
C TRP D 35 -60.85 -31.46 -48.24
N TYR D 36 -61.66 -30.64 -48.90
CA TYR D 36 -62.85 -30.03 -48.30
C TYR D 36 -64.03 -30.24 -49.21
N GLN D 37 -65.18 -30.57 -48.64
CA GLN D 37 -66.39 -30.77 -49.43
C GLN D 37 -67.58 -30.28 -48.62
N ARG D 38 -68.44 -29.49 -49.28
CA ARG D 38 -69.53 -28.82 -48.58
C ARG D 38 -70.63 -28.46 -49.58
N LYS D 39 -71.87 -28.79 -49.22
CA LYS D 39 -73.03 -28.31 -49.97
C LYS D 39 -73.29 -26.86 -49.59
N PRO D 40 -73.50 -25.96 -50.57
CA PRO D 40 -73.90 -24.59 -50.25
C PRO D 40 -75.29 -24.58 -49.60
N GLY D 41 -75.36 -23.94 -48.44
CA GLY D 41 -76.52 -24.02 -47.58
C GLY D 41 -76.44 -25.12 -46.55
N GLN D 42 -75.30 -25.79 -46.42
CA GLN D 42 -75.15 -26.90 -45.50
C GLN D 42 -73.75 -26.85 -44.89
N ARG D 43 -73.61 -27.53 -43.76
CA ARG D 43 -72.32 -27.74 -43.14
C ARG D 43 -71.44 -28.59 -44.05
N PRO D 44 -70.12 -28.43 -44.00
CA PRO D 44 -69.24 -29.36 -44.72
C PRO D 44 -69.35 -30.77 -44.18
N LYS D 45 -69.05 -31.73 -45.06
CA LYS D 45 -69.18 -33.15 -44.75
C LYS D 45 -67.80 -33.76 -44.59
N LEU D 46 -67.67 -34.68 -43.65
CA LEU D 46 -66.43 -35.43 -43.49
C LEU D 46 -66.27 -36.44 -44.62
N LEU D 47 -65.04 -36.56 -45.12
CA LEU D 47 -64.71 -37.53 -46.17
C LEU D 47 -63.30 -38.04 -45.93
N ILE D 48 -62.72 -38.67 -46.97
CA ILE D 48 -61.45 -39.37 -46.84
C ILE D 48 -60.31 -38.39 -46.60
N TYR D 49 -59.49 -38.66 -45.58
CA TYR D 49 -58.30 -37.90 -45.26
C TYR D 49 -57.07 -38.76 -45.46
N GLY D 50 -55.91 -38.10 -45.54
CA GLY D 50 -54.62 -38.77 -45.51
C GLY D 50 -54.35 -39.77 -46.63
N THR D 51 -54.99 -39.57 -47.79
CA THR D 51 -54.78 -40.21 -49.11
C THR D 51 -55.05 -41.71 -49.17
N SER D 52 -55.29 -42.34 -48.02
CA SER D 52 -55.59 -43.76 -48.01
C SER D 52 -56.64 -44.14 -46.97
N THR D 53 -57.16 -43.18 -46.22
CA THR D 53 -57.99 -43.44 -45.04
C THR D 53 -59.40 -42.89 -45.31
N LEU D 54 -60.24 -43.74 -45.88
CA LEU D 54 -61.63 -43.36 -46.13
C LEU D 54 -62.39 -43.24 -44.82
N ALA D 55 -63.25 -42.23 -44.74
CA ALA D 55 -64.00 -41.96 -43.52
C ALA D 55 -65.33 -42.71 -43.56
N SER D 56 -66.22 -42.38 -42.62
CA SER D 56 -67.50 -43.07 -42.53
C SER D 56 -68.50 -42.50 -43.52
N GLY D 57 -69.20 -43.38 -44.22
CA GLY D 57 -70.22 -42.96 -45.16
C GLY D 57 -69.70 -42.27 -46.39
N VAL D 58 -68.46 -42.55 -46.78
CA VAL D 58 -67.85 -41.88 -47.93
C VAL D 58 -68.39 -42.51 -49.20
N PRO D 59 -68.48 -41.76 -50.30
CA PRO D 59 -68.87 -42.36 -51.58
C PRO D 59 -67.71 -43.07 -52.25
N SER D 60 -68.06 -44.08 -53.05
CA SER D 60 -67.06 -44.89 -53.73
C SER D 60 -66.42 -44.15 -54.89
N ARG D 61 -67.13 -43.18 -55.47
CA ARG D 61 -66.59 -42.43 -56.60
C ARG D 61 -65.47 -41.48 -56.17
N PHE D 62 -65.53 -40.99 -54.94
CA PHE D 62 -64.58 -40.00 -54.46
C PHE D 62 -63.28 -40.70 -54.09
N ILE D 63 -62.39 -40.84 -55.07
CA ILE D 63 -61.07 -41.45 -54.87
C ILE D 63 -60.03 -40.53 -55.47
N GLY D 64 -59.00 -40.21 -54.69
CA GLY D 64 -57.88 -39.44 -55.19
C GLY D 64 -56.65 -39.71 -54.34
N SER D 65 -55.48 -39.66 -54.95
CA SER D 65 -54.27 -40.06 -54.25
C SER D 65 -53.08 -39.30 -54.80
N GLY D 66 -51.89 -39.79 -54.50
CA GLY D 66 -50.64 -39.18 -54.90
C GLY D 66 -49.59 -39.42 -53.84
N SER D 67 -48.45 -38.74 -53.99
CA SER D 67 -47.39 -38.75 -53.00
C SER D 67 -46.48 -37.55 -53.26
N GLY D 68 -45.33 -37.53 -52.57
CA GLY D 68 -44.35 -36.48 -52.80
C GLY D 68 -44.72 -35.16 -52.15
N THR D 69 -45.10 -34.19 -52.97
CA THR D 69 -45.41 -32.86 -52.48
C THR D 69 -46.90 -32.54 -52.64
N ASP D 70 -47.63 -33.32 -53.43
CA ASP D 70 -49.01 -32.97 -53.72
C ASP D 70 -49.83 -34.25 -53.97
N TYR D 71 -51.13 -34.13 -53.78
CA TYR D 71 -52.08 -35.14 -54.17
C TYR D 71 -52.94 -34.59 -55.31
N THR D 72 -53.85 -35.41 -55.80
CA THR D 72 -54.77 -35.00 -56.84
C THR D 72 -56.10 -35.71 -56.64
N LEU D 73 -57.19 -34.96 -56.76
CA LEU D 73 -58.52 -35.53 -56.80
C LEU D 73 -58.93 -35.71 -58.26
N THR D 74 -59.51 -36.86 -58.56
CA THR D 74 -59.98 -37.17 -59.91
C THR D 74 -61.12 -38.16 -59.78
N ILE D 75 -62.34 -37.71 -60.09
CA ILE D 75 -63.55 -38.50 -59.88
C ILE D 75 -64.30 -38.53 -61.20
N SER D 76 -64.44 -39.72 -61.77
CA SER D 76 -65.01 -39.88 -63.10
C SER D 76 -66.53 -40.03 -63.02
N ASP D 77 -67.22 -39.31 -63.90
CA ASP D 77 -68.65 -39.47 -64.17
C ASP D 77 -69.51 -39.23 -62.93
N LEU D 78 -69.43 -37.99 -62.44
CA LEU D 78 -70.25 -37.60 -61.30
C LEU D 78 -71.71 -37.49 -61.70
N GLU D 79 -72.59 -37.62 -60.70
CA GLU D 79 -74.03 -37.50 -60.91
C GLU D 79 -74.44 -36.02 -60.94
N CYS D 80 -75.75 -35.77 -60.90
CA CYS D 80 -76.25 -34.43 -61.26
C CYS D 80 -76.08 -33.43 -60.13
N ASP D 81 -76.74 -33.66 -58.99
CA ASP D 81 -76.95 -32.58 -58.03
C ASP D 81 -75.81 -32.43 -57.02
N ASP D 82 -74.75 -33.23 -57.10
CA ASP D 82 -73.65 -33.14 -56.14
C ASP D 82 -72.91 -31.81 -56.24
N ALA D 83 -72.14 -31.64 -57.33
CA ALA D 83 -71.53 -30.38 -57.80
C ALA D 83 -70.94 -29.50 -56.70
N ALA D 84 -70.13 -30.10 -55.84
CA ALA D 84 -69.71 -29.42 -54.61
C ALA D 84 -68.57 -28.44 -54.89
N THR D 85 -68.19 -27.69 -53.87
CA THR D 85 -67.02 -26.84 -53.91
C THR D 85 -65.92 -27.46 -53.06
N TYR D 86 -64.67 -27.12 -53.37
CA TYR D 86 -63.55 -27.89 -52.82
C TYR D 86 -62.36 -26.99 -52.53
N TYR D 87 -61.57 -27.39 -51.54
CA TYR D 87 -60.18 -26.95 -51.36
C TYR D 87 -59.46 -27.95 -50.45
N CYS D 88 -58.17 -27.74 -50.25
CA CYS D 88 -57.30 -28.55 -49.41
C CYS D 88 -56.78 -27.70 -48.25
N GLN D 89 -55.84 -28.27 -47.48
CA GLN D 89 -55.30 -27.59 -46.30
C GLN D 89 -53.91 -28.17 -46.11
N GLN D 90 -53.19 -27.71 -45.14
CA GLN D 90 -51.84 -28.20 -45.10
C GLN D 90 -51.35 -29.13 -44.05
N GLY D 91 -52.20 -29.80 -43.30
CA GLY D 91 -51.65 -30.75 -42.35
C GLY D 91 -50.51 -30.46 -41.36
N PHE D 92 -49.46 -31.28 -41.42
CA PHE D 92 -48.39 -31.25 -40.43
C PHE D 92 -47.34 -30.21 -40.51
N SER D 93 -47.81 -28.98 -40.33
CA SER D 93 -47.02 -27.80 -40.15
C SER D 93 -47.96 -26.74 -39.70
N THR D 94 -48.52 -26.87 -38.54
CA THR D 94 -49.52 -25.94 -38.06
C THR D 94 -49.07 -24.54 -37.66
N SER D 95 -47.79 -24.18 -37.73
CA SER D 95 -47.45 -22.85 -37.24
C SER D 95 -46.53 -21.84 -37.88
N ASN D 96 -46.72 -20.62 -37.38
CA ASN D 96 -46.02 -19.40 -37.78
C ASN D 96 -46.26 -18.98 -39.17
N VAL D 97 -47.51 -19.09 -39.55
CA VAL D 97 -47.98 -18.83 -40.91
C VAL D 97 -49.09 -17.79 -40.81
N TYR D 98 -49.35 -17.12 -41.93
CA TYR D 98 -50.45 -16.17 -42.01
C TYR D 98 -51.72 -16.77 -42.56
N ASN D 99 -51.66 -17.93 -43.21
CA ASN D 99 -52.87 -18.54 -43.72
C ASN D 99 -52.73 -20.04 -43.73
N SER D 100 -53.83 -20.73 -43.47
CA SER D 100 -53.89 -22.18 -43.47
C SER D 100 -54.41 -22.75 -44.78
N PHE D 101 -54.99 -21.91 -45.64
CA PHE D 101 -55.37 -22.33 -46.99
C PHE D 101 -54.79 -21.32 -47.97
N GLY D 102 -55.14 -21.50 -49.25
CA GLY D 102 -54.64 -20.62 -50.30
C GLY D 102 -55.60 -20.35 -51.45
N GLY D 103 -56.85 -20.78 -51.34
CA GLY D 103 -57.80 -20.57 -52.44
C GLY D 103 -59.03 -21.45 -52.29
N GLY D 104 -59.62 -21.77 -53.45
CA GLY D 104 -60.83 -22.57 -53.48
C GLY D 104 -61.19 -22.94 -54.90
N THR D 105 -62.05 -23.95 -55.02
CA THR D 105 -62.55 -24.36 -56.32
C THR D 105 -63.97 -24.89 -56.24
N LYS D 106 -64.63 -24.98 -57.39
CA LYS D 106 -65.99 -25.38 -57.57
C LYS D 106 -66.27 -26.18 -58.82
N VAL D 107 -67.13 -27.20 -58.72
CA VAL D 107 -67.53 -28.00 -59.86
C VAL D 107 -69.03 -27.76 -60.02
N ASP D 108 -69.46 -27.60 -61.28
CA ASP D 108 -70.86 -27.32 -61.59
C ASP D 108 -71.40 -28.29 -62.64
N ILE D 109 -72.58 -28.01 -63.16
CA ILE D 109 -73.21 -28.83 -64.18
C ILE D 109 -73.35 -28.00 -65.46
N LYS D 110 -73.62 -28.69 -66.56
CA LYS D 110 -73.77 -28.03 -67.86
C LYS D 110 -75.11 -28.37 -68.50
N GLN E 1 -73.11 -36.94 -31.51
CA GLN E 1 -73.39 -35.65 -30.88
C GLN E 1 -73.23 -34.51 -31.88
N SER E 2 -73.42 -33.29 -31.40
CA SER E 2 -73.18 -32.06 -32.15
C SER E 2 -73.08 -30.91 -31.13
N VAL E 3 -73.09 -29.69 -31.64
CA VAL E 3 -73.04 -28.49 -30.80
C VAL E 3 -74.04 -27.46 -31.35
N LYS E 4 -74.51 -26.60 -30.46
CA LYS E 4 -75.33 -25.46 -30.84
C LYS E 4 -74.57 -24.18 -30.49
N GLU E 5 -74.96 -23.08 -31.13
CA GLU E 5 -74.22 -21.83 -31.03
C GLU E 5 -75.13 -20.70 -30.59
N SER E 6 -74.50 -19.61 -30.15
CA SER E 6 -75.21 -18.42 -29.70
C SER E 6 -74.28 -17.22 -29.82
N GLY E 7 -74.86 -16.04 -29.63
CA GLY E 7 -74.11 -14.80 -29.65
C GLY E 7 -74.25 -13.97 -30.91
N GLY E 8 -74.99 -14.46 -31.90
CA GLY E 8 -75.14 -13.73 -33.15
C GLY E 8 -76.07 -12.54 -32.98
N ARG E 9 -75.56 -11.34 -33.25
CA ARG E 9 -76.34 -10.12 -33.10
C ARG E 9 -75.73 -9.03 -33.96
N LEU E 10 -76.58 -8.23 -34.61
CA LEU E 10 -76.11 -7.07 -35.33
C LEU E 10 -75.57 -6.04 -34.35
N VAL E 11 -74.55 -5.29 -34.79
CA VAL E 11 -73.87 -4.34 -33.92
C VAL E 11 -73.34 -3.20 -34.78
N THR E 12 -73.05 -2.08 -34.14
CA THR E 12 -72.35 -0.92 -34.68
C THR E 12 -70.85 -1.14 -34.57
N PRO E 13 -70.05 -0.44 -35.38
CA PRO E 13 -68.59 -0.52 -35.20
C PRO E 13 -68.14 0.14 -33.90
N GLY E 14 -67.10 -0.44 -33.32
CA GLY E 14 -66.53 0.07 -32.09
C GLY E 14 -66.91 -0.68 -30.84
N THR E 15 -67.56 -1.84 -30.96
CA THR E 15 -68.07 -2.58 -29.81
C THR E 15 -67.46 -3.98 -29.77
N PRO E 16 -66.94 -4.42 -28.64
CA PRO E 16 -66.49 -5.81 -28.52
C PRO E 16 -67.67 -6.75 -28.30
N LEU E 17 -67.69 -7.84 -29.06
CA LEU E 17 -68.76 -8.83 -28.99
C LEU E 17 -68.15 -10.22 -28.84
N THR E 18 -68.74 -11.02 -27.97
CA THR E 18 -68.32 -12.40 -27.72
C THR E 18 -69.36 -13.38 -28.24
N LEU E 19 -69.08 -14.65 -28.05
CA LEU E 19 -69.98 -15.73 -28.43
C LEU E 19 -69.97 -16.78 -27.32
N THR E 20 -70.50 -17.97 -27.64
CA THR E 20 -70.43 -19.13 -26.75
C THR E 20 -70.69 -20.38 -27.59
N CYS E 21 -69.78 -21.34 -27.52
CA CYS E 21 -69.97 -22.62 -28.19
C CYS E 21 -70.55 -23.61 -27.18
N THR E 22 -71.84 -23.89 -27.31
CA THR E 22 -72.53 -24.77 -26.38
C THR E 22 -72.22 -26.22 -26.74
N VAL E 23 -71.53 -26.92 -25.85
CA VAL E 23 -71.18 -28.32 -26.05
C VAL E 23 -72.39 -29.17 -25.72
N SER E 24 -72.37 -30.44 -26.10
CA SER E 24 -73.50 -31.33 -25.84
C SER E 24 -73.02 -32.77 -25.71
N GLY E 25 -72.91 -33.26 -24.47
CA GLY E 25 -72.87 -34.68 -24.21
C GLY E 25 -71.63 -35.45 -24.63
N PHE E 26 -70.46 -34.87 -24.42
CA PHE E 26 -69.21 -35.52 -24.79
C PHE E 26 -68.12 -35.04 -23.86
N SER E 27 -66.89 -35.47 -24.14
CA SER E 27 -65.76 -35.18 -23.25
C SER E 27 -65.34 -33.72 -23.41
N LEU E 28 -65.32 -33.01 -22.28
CA LEU E 28 -64.83 -31.63 -22.29
C LEU E 28 -63.34 -31.55 -22.57
N SER E 29 -62.59 -32.60 -22.26
CA SER E 29 -61.15 -32.53 -22.30
C SER E 29 -60.54 -33.18 -23.54
N SER E 30 -61.04 -34.36 -23.93
CA SER E 30 -60.32 -35.23 -24.85
C SER E 30 -60.49 -34.83 -26.32
N TYR E 31 -60.88 -33.59 -26.61
CA TYR E 31 -60.95 -33.12 -27.98
C TYR E 31 -60.35 -31.72 -28.04
N GLU E 32 -60.27 -31.18 -29.25
CA GLU E 32 -59.93 -29.78 -29.46
C GLU E 32 -60.95 -29.15 -30.39
N MET E 33 -61.30 -27.91 -30.11
CA MET E 33 -62.33 -27.18 -30.84
C MET E 33 -61.74 -26.56 -32.10
N GLY E 34 -62.47 -25.65 -32.73
CA GLY E 34 -61.96 -24.97 -33.90
C GLY E 34 -62.88 -23.86 -34.34
N TRP E 35 -62.35 -22.97 -35.19
CA TRP E 35 -63.10 -21.82 -35.68
C TRP E 35 -62.72 -21.48 -37.10
N VAL E 36 -63.73 -21.16 -37.92
CA VAL E 36 -63.52 -20.80 -39.31
C VAL E 36 -64.67 -19.88 -39.74
N ARG E 37 -64.37 -18.95 -40.64
CA ARG E 37 -65.36 -18.01 -41.13
C ARG E 37 -65.34 -17.99 -42.65
N GLN E 38 -66.47 -17.58 -43.22
CA GLN E 38 -66.60 -17.43 -44.67
C GLN E 38 -67.77 -16.50 -44.94
N ALA E 39 -67.47 -15.32 -45.45
CA ALA E 39 -68.53 -14.51 -46.02
C ALA E 39 -68.84 -15.00 -47.43
N PRO E 40 -70.10 -14.87 -47.90
CA PRO E 40 -70.43 -15.34 -49.25
C PRO E 40 -69.73 -14.53 -50.33
N GLY E 41 -68.77 -15.15 -50.99
CA GLY E 41 -67.95 -14.46 -51.97
C GLY E 41 -66.48 -14.80 -51.80
N GLU E 42 -66.18 -15.60 -50.78
CA GLU E 42 -64.82 -16.08 -50.54
C GLU E 42 -64.90 -17.47 -49.92
N GLY E 43 -63.76 -17.96 -49.44
CA GLY E 43 -63.69 -19.29 -48.88
C GLY E 43 -63.43 -19.34 -47.40
N LEU E 44 -62.77 -20.39 -46.94
CA LEU E 44 -62.55 -20.65 -45.53
C LEU E 44 -61.29 -19.91 -45.05
N GLU E 45 -61.16 -19.76 -43.74
CA GLU E 45 -60.34 -18.70 -43.16
C GLU E 45 -59.52 -19.22 -41.98
N TRP E 46 -59.06 -18.26 -41.15
CA TRP E 46 -57.80 -18.34 -40.42
C TRP E 46 -57.81 -19.33 -39.26
N ILE E 47 -58.75 -19.15 -38.33
CA ILE E 47 -58.47 -18.87 -36.93
C ILE E 47 -57.32 -19.66 -36.29
N GLY E 48 -57.36 -20.99 -36.27
CA GLY E 48 -56.37 -21.70 -35.49
C GLY E 48 -56.72 -21.73 -34.01
N THR E 49 -56.66 -22.89 -33.37
CA THR E 49 -57.58 -23.19 -32.29
C THR E 49 -56.91 -23.55 -30.96
N ILE E 50 -57.75 -24.10 -30.07
CA ILE E 50 -57.49 -24.23 -28.64
C ILE E 50 -56.51 -25.37 -28.36
N SER E 51 -55.79 -25.25 -27.24
CA SER E 51 -55.03 -26.33 -26.64
C SER E 51 -55.87 -27.00 -25.56
N THR E 52 -55.56 -28.27 -25.27
CA THR E 52 -56.42 -29.06 -24.42
C THR E 52 -56.23 -28.81 -22.93
N GLY E 53 -55.23 -28.06 -22.53
CA GLY E 53 -54.99 -27.92 -21.11
C GLY E 53 -54.91 -26.49 -20.63
N GLY E 54 -54.78 -25.55 -21.56
CA GLY E 54 -54.53 -24.18 -21.17
C GLY E 54 -54.37 -23.25 -22.35
N SER E 55 -53.30 -22.45 -22.33
CA SER E 55 -53.10 -21.42 -23.34
C SER E 55 -52.90 -22.02 -24.72
N SER E 56 -53.39 -21.32 -25.72
CA SER E 56 -53.45 -21.81 -27.09
C SER E 56 -52.69 -20.84 -27.99
N TYR E 57 -52.81 -21.13 -29.29
CA TYR E 57 -52.17 -20.40 -30.39
C TYR E 57 -53.17 -20.23 -31.54
N TYR E 58 -52.88 -19.29 -32.45
CA TYR E 58 -53.79 -19.00 -33.55
C TYR E 58 -52.97 -18.38 -34.68
N ALA E 59 -53.65 -17.79 -35.65
CA ALA E 59 -52.97 -17.23 -36.81
C ALA E 59 -52.30 -15.90 -36.46
N SER E 60 -51.73 -15.25 -37.48
CA SER E 60 -50.91 -14.07 -37.30
C SER E 60 -51.60 -12.78 -37.71
N TRP E 61 -52.89 -12.84 -38.05
CA TRP E 61 -53.58 -11.64 -38.49
C TRP E 61 -53.93 -10.75 -37.31
N ALA E 62 -54.54 -11.32 -36.28
CA ALA E 62 -55.08 -10.53 -35.19
C ALA E 62 -54.37 -10.84 -33.89
N LYS E 63 -53.04 -10.90 -33.94
CA LYS E 63 -52.22 -11.16 -32.76
C LYS E 63 -52.31 -9.97 -31.81
N GLY E 64 -52.81 -10.21 -30.60
CA GLY E 64 -53.09 -9.17 -29.63
C GLY E 64 -54.55 -8.84 -29.49
N ARG E 65 -55.39 -9.31 -30.42
CA ARG E 65 -56.81 -9.02 -30.38
C ARG E 65 -57.59 -10.13 -29.66
N PHE E 66 -57.52 -11.35 -30.18
CA PHE E 66 -58.37 -12.44 -29.72
C PHE E 66 -57.73 -13.16 -28.55
N THR E 67 -58.49 -13.29 -27.46
CA THR E 67 -58.00 -13.78 -26.18
C THR E 67 -58.75 -15.04 -25.78
N ILE E 68 -58.80 -16.01 -26.70
CA ILE E 68 -59.61 -17.22 -26.56
C ILE E 68 -59.25 -17.97 -25.29
N SER E 69 -60.27 -18.32 -24.51
CA SER E 69 -60.04 -19.02 -23.25
C SER E 69 -60.90 -20.27 -23.17
N ARG E 70 -60.93 -20.89 -22.00
CA ARG E 70 -61.64 -22.16 -21.83
C ARG E 70 -62.03 -22.33 -20.39
N THR E 71 -63.24 -22.81 -20.18
CA THR E 71 -63.68 -23.36 -18.91
C THR E 71 -64.07 -24.81 -19.11
N SER E 72 -64.50 -25.46 -18.04
CA SER E 72 -64.83 -26.88 -18.10
C SER E 72 -66.18 -27.16 -18.73
N THR E 73 -66.96 -26.13 -19.06
CA THR E 73 -68.26 -26.35 -19.67
C THR E 73 -68.41 -25.78 -21.08
N THR E 74 -67.61 -24.78 -21.48
CA THR E 74 -67.75 -24.20 -22.80
C THR E 74 -66.43 -23.58 -23.24
N VAL E 75 -66.39 -23.17 -24.50
CA VAL E 75 -65.28 -22.46 -25.10
C VAL E 75 -65.82 -21.23 -25.79
N ASP E 76 -64.98 -20.20 -25.89
CA ASP E 76 -65.39 -18.93 -26.48
C ASP E 76 -64.18 -18.12 -26.93
N LEU E 77 -64.27 -17.54 -28.12
CA LEU E 77 -63.30 -16.56 -28.57
C LEU E 77 -63.80 -15.15 -28.27
N LYS E 78 -62.90 -14.30 -27.80
CA LYS E 78 -63.23 -12.92 -27.44
C LYS E 78 -62.76 -12.01 -28.56
N MET E 79 -63.70 -11.26 -29.15
CA MET E 79 -63.41 -10.31 -30.22
C MET E 79 -63.43 -8.91 -29.62
N THR E 80 -62.27 -8.42 -29.22
CA THR E 80 -62.20 -7.14 -28.51
C THR E 80 -62.19 -5.96 -29.48
N SER E 81 -61.17 -5.86 -30.32
CA SER E 81 -61.05 -4.76 -31.27
C SER E 81 -61.25 -5.30 -32.67
N LEU E 82 -62.19 -4.72 -33.40
CA LEU E 82 -62.68 -5.27 -34.66
C LEU E 82 -62.56 -4.24 -35.78
N THR E 83 -62.74 -4.73 -37.00
CA THR E 83 -62.92 -3.94 -38.20
C THR E 83 -64.36 -4.09 -38.67
N THR E 84 -64.67 -3.54 -39.83
CA THR E 84 -66.05 -3.46 -40.29
C THR E 84 -66.39 -4.39 -41.45
N ALA E 85 -65.48 -4.54 -42.44
CA ALA E 85 -65.80 -5.31 -43.64
C ALA E 85 -65.92 -6.80 -43.37
N ASP E 86 -65.40 -7.29 -42.25
CA ASP E 86 -65.53 -8.68 -41.85
C ASP E 86 -66.96 -8.91 -41.37
N THR E 87 -67.79 -9.50 -42.25
CA THR E 87 -69.18 -9.82 -41.94
C THR E 87 -69.42 -11.25 -42.42
N ALA E 88 -69.21 -12.22 -41.54
CA ALA E 88 -69.21 -13.62 -41.96
C ALA E 88 -69.87 -14.48 -40.88
N THR E 89 -69.74 -15.79 -41.04
CA THR E 89 -70.40 -16.79 -40.22
C THR E 89 -69.36 -17.67 -39.55
N TYR E 90 -69.47 -17.81 -38.23
CA TYR E 90 -68.49 -18.55 -37.45
C TYR E 90 -68.98 -19.98 -37.17
N PHE E 91 -68.02 -20.90 -36.99
CA PHE E 91 -68.34 -22.31 -36.80
C PHE E 91 -67.44 -22.89 -35.71
N CYS E 92 -68.05 -23.40 -34.65
CA CYS E 92 -67.29 -23.99 -33.55
C CYS E 92 -66.90 -25.41 -33.94
N ALA E 93 -65.72 -25.57 -34.52
CA ALA E 93 -65.34 -26.82 -35.15
C ALA E 93 -64.80 -27.82 -34.13
N ARG E 94 -64.30 -28.95 -34.62
CA ARG E 94 -63.73 -29.98 -33.75
C ARG E 94 -62.77 -30.83 -34.58
N GLY E 95 -61.49 -30.81 -34.20
CA GLY E 95 -60.47 -31.61 -34.87
C GLY E 95 -60.33 -32.99 -34.21
N TYR E 96 -59.52 -33.84 -34.85
CA TYR E 96 -59.28 -35.17 -34.32
C TYR E 96 -57.85 -35.41 -33.89
N GLY E 97 -56.88 -35.25 -34.78
CA GLY E 97 -55.51 -35.59 -34.45
C GLY E 97 -54.62 -34.38 -34.26
N GLY E 98 -53.74 -34.14 -35.23
CA GLY E 98 -52.86 -32.99 -35.15
C GLY E 98 -53.37 -31.80 -35.93
N TYR E 99 -54.01 -30.85 -35.20
CA TYR E 99 -54.50 -29.58 -35.73
C TYR E 99 -55.50 -29.79 -36.87
N GLY E 100 -56.32 -30.81 -36.74
CA GLY E 100 -57.38 -31.09 -37.67
C GLY E 100 -57.13 -32.23 -38.65
N ILE E 101 -56.28 -33.20 -38.31
CA ILE E 101 -56.14 -34.39 -39.14
C ILE E 101 -56.94 -35.49 -38.46
N GLY E 102 -57.51 -36.39 -39.27
CA GLY E 102 -58.61 -37.22 -38.85
C GLY E 102 -59.96 -36.51 -38.81
N ALA E 103 -59.95 -35.18 -38.76
CA ALA E 103 -61.06 -34.27 -39.04
C ALA E 103 -60.60 -33.29 -40.11
N GLY E 104 -60.05 -33.82 -41.19
CA GLY E 104 -59.50 -33.02 -42.27
C GLY E 104 -60.53 -32.19 -43.00
N TYR E 105 -61.79 -32.62 -43.02
CA TYR E 105 -62.88 -31.80 -43.51
C TYR E 105 -63.49 -31.05 -42.32
N PHE E 106 -64.04 -31.82 -41.38
CA PHE E 106 -63.95 -31.76 -39.91
C PHE E 106 -64.90 -32.85 -39.42
N ASN E 107 -64.82 -33.26 -38.16
CA ASN E 107 -65.61 -34.41 -37.75
C ASN E 107 -67.06 -34.03 -37.46
N ILE E 108 -67.29 -33.23 -36.43
CA ILE E 108 -68.63 -32.96 -35.90
C ILE E 108 -68.64 -31.53 -35.42
N TRP E 109 -69.55 -30.72 -35.98
CA TRP E 109 -69.72 -29.32 -35.56
C TRP E 109 -71.06 -28.80 -36.04
N GLY E 110 -71.35 -27.54 -35.72
CA GLY E 110 -72.68 -27.01 -35.84
C GLY E 110 -72.88 -26.07 -37.01
N PRO E 111 -74.13 -25.64 -37.23
CA PRO E 111 -74.45 -24.84 -38.42
C PRO E 111 -73.99 -23.40 -38.32
N GLY E 112 -73.68 -22.91 -37.13
CA GLY E 112 -73.11 -21.59 -36.97
C GLY E 112 -74.12 -20.47 -37.16
N THR E 113 -73.77 -19.31 -36.60
CA THR E 113 -74.60 -18.12 -36.66
C THR E 113 -73.89 -17.04 -37.43
N LEU E 114 -74.65 -16.28 -38.23
CA LEU E 114 -74.11 -15.20 -39.03
C LEU E 114 -74.07 -13.93 -38.19
N VAL E 115 -72.91 -13.25 -38.21
CA VAL E 115 -72.77 -11.94 -37.62
C VAL E 115 -72.44 -10.96 -38.72
N THR E 116 -72.98 -9.74 -38.60
CA THR E 116 -72.87 -8.74 -39.65
C THR E 116 -72.94 -7.35 -39.01
N VAL E 117 -71.92 -6.54 -39.26
CA VAL E 117 -71.93 -5.12 -38.91
C VAL E 117 -72.15 -4.30 -40.19
N SER E 118 -73.24 -3.53 -40.20
CA SER E 118 -73.62 -2.73 -41.37
C SER E 118 -74.60 -1.66 -40.91
N SER E 119 -74.36 -0.43 -41.32
CA SER E 119 -75.24 0.69 -40.96
C SER E 119 -76.57 0.61 -41.69
#